data_8AUC
#
_entry.id   8AUC
#
_cell.length_a   230.580
_cell.length_b   230.580
_cell.length_c   416.690
_cell.angle_alpha   90.000
_cell.angle_beta   90.000
_cell.angle_gamma   120.000
#
_symmetry.space_group_name_H-M   'H 3 2'
#
loop_
_entity.id
_entity.type
_entity.pdbx_description
1 polymer 'Cell wall-associated hydrolases (Invasion-associated proteins)'
2 non-polymer TETRACHLOROPLATINATE(II)
#
_entity_poly.entity_id   1
_entity_poly.type   'polypeptide(L)'
_entity_poly.pdbx_seq_one_letter_code
;MIALAVSGALLSSMTPAVAQPQNPDDAAIAQAEENVSAGDGEVARLAGSLSSTDAEINRVELEMGALREEVNKSLVDLHD
AQAIAEQARQDALAAKKDLDDSQAQIEAAQERLDEISRAAYRQNGTSKGLSGISGNGNSEDALDRQTYLRTSAEKQQAAV
EELDRLRTENANKESVLRQARIVAEQREAEAVEKQVQTEAAIAANSEQLNVLTNNRSTLVAQRDGAERNLAIARAQADNL
QGQRAEYEEFQQAEQARIQAEAEAQAAAEEKRRADEAAAQAAAEAQEAAQQAQAAEEAQAAQAAETAQAQAAQAAETQAA
QAAQAQAEANDRAAAQQRAAEAQAAAEQAQREADAQAANDAQAQALREQALTAASIAAAALIAASQSSHATTQNPYPTDE
DADPTDIADIQGPTQPGTGESGDSQSNSSDNDSTGNDSTGSDSSDSDSSGNDSSEVISGDRSAQIETVIARAMSQLGVQY
AWGGGNANGPTLGIRDGGVADSYGDYNKVGFDCSGLTLYAFAGVGISLPHYTGYQYQHGTKVSPSEMQRGDLIFYGPGAS
QHVAIYLGDGQMIEAPNSGSVVKISPVRWSGMTESVVRLI
;
_entity_poly.pdbx_strand_id   A,B
#
loop_
_chem_comp.id
_chem_comp.type
_chem_comp.name
_chem_comp.formula
PC4 non-polymer TETRACHLOROPLATINATE(II) 'Cl4 Pt -2'
#
# COMPACT_ATOMS: atom_id res chain seq x y z
N GLY A 41 4.35 -21.70 -27.86
CA GLY A 41 4.85 -21.09 -26.64
C GLY A 41 4.36 -21.70 -25.32
N GLU A 42 5.22 -22.50 -24.69
CA GLU A 42 4.96 -23.18 -23.40
C GLU A 42 5.43 -22.37 -22.21
N VAL A 43 5.04 -21.10 -22.21
CA VAL A 43 5.04 -20.31 -20.99
C VAL A 43 4.08 -20.91 -19.98
N ALA A 44 2.84 -21.17 -20.39
CA ALA A 44 1.78 -21.44 -19.41
C ALA A 44 2.06 -22.69 -18.58
N ARG A 45 2.84 -23.65 -19.10
CA ARG A 45 3.22 -24.81 -18.28
C ARG A 45 4.13 -24.41 -17.14
N LEU A 46 5.21 -23.67 -17.43
CA LEU A 46 6.08 -23.24 -16.35
C LEU A 46 5.39 -22.22 -15.46
N ALA A 47 4.62 -21.29 -16.05
CA ALA A 47 3.86 -20.36 -15.22
C ALA A 47 2.97 -21.10 -14.24
N GLY A 48 2.32 -22.18 -14.69
CA GLY A 48 1.51 -22.98 -13.78
C GLY A 48 2.30 -23.70 -12.71
N SER A 49 3.44 -24.32 -13.08
CA SER A 49 4.20 -25.09 -12.10
C SER A 49 4.88 -24.19 -11.09
N LEU A 50 5.46 -23.10 -11.56
CA LEU A 50 5.86 -21.99 -10.71
C LEU A 50 4.79 -21.63 -9.71
N SER A 51 3.59 -21.27 -10.20
CA SER A 51 2.55 -20.80 -9.28
C SER A 51 2.10 -21.90 -8.32
N SER A 52 2.18 -23.17 -8.72
CA SER A 52 1.82 -24.23 -7.79
C SER A 52 2.90 -24.48 -6.74
N THR A 53 4.19 -24.34 -7.10
CA THR A 53 5.21 -24.40 -6.07
C THR A 53 5.19 -23.16 -5.18
N ASP A 54 4.64 -22.06 -5.66
CA ASP A 54 4.41 -20.93 -4.77
C ASP A 54 3.23 -21.19 -3.83
N ALA A 55 2.22 -21.93 -4.32
CA ALA A 55 1.17 -22.39 -3.43
C ALA A 55 1.72 -23.28 -2.32
N GLU A 56 2.64 -24.18 -2.67
CA GLU A 56 3.30 -25.03 -1.65
C GLU A 56 4.17 -24.20 -0.67
N ILE A 57 4.90 -23.21 -1.21
CA ILE A 57 5.66 -22.28 -0.38
C ILE A 57 4.76 -21.69 0.70
N ASN A 58 3.56 -21.25 0.33
CA ASN A 58 2.72 -20.63 1.36
C ASN A 58 2.08 -21.65 2.29
N ARG A 59 1.81 -22.87 1.82
CA ARG A 59 1.43 -23.92 2.76
C ARG A 59 2.44 -24.00 3.88
N VAL A 60 3.71 -24.22 3.51
CA VAL A 60 4.74 -24.41 4.52
C VAL A 60 4.94 -23.13 5.34
N GLU A 61 4.74 -21.95 4.76
CA GLU A 61 4.92 -20.75 5.56
C GLU A 61 3.84 -20.62 6.64
N LEU A 62 2.58 -20.92 6.32
CA LEU A 62 1.58 -20.91 7.38
C LEU A 62 1.84 -22.02 8.40
N GLU A 63 2.36 -23.17 7.97
CA GLU A 63 2.62 -24.27 8.90
C GLU A 63 3.70 -23.87 9.91
N MET A 64 4.80 -23.33 9.40
CA MET A 64 5.81 -22.75 10.26
C MET A 64 5.17 -21.73 11.20
N GLY A 65 4.27 -20.89 10.67
CA GLY A 65 3.60 -19.93 11.52
C GLY A 65 2.88 -20.59 12.68
N ALA A 66 2.15 -21.66 12.40
CA ALA A 66 1.40 -22.33 13.47
C ALA A 66 2.31 -22.75 14.60
N LEU A 67 3.46 -23.34 14.27
CA LEU A 67 4.35 -23.77 15.33
C LEU A 67 4.94 -22.58 16.07
N ARG A 68 5.37 -21.54 15.33
CA ARG A 68 6.01 -20.38 15.94
C ARG A 68 5.05 -19.75 16.95
N GLU A 69 3.80 -19.56 16.53
CA GLU A 69 2.82 -18.98 17.44
C GLU A 69 2.48 -19.90 18.60
N GLU A 70 2.49 -21.22 18.39
CA GLU A 70 2.30 -22.18 19.48
C GLU A 70 3.25 -21.87 20.63
N VAL A 71 4.51 -21.71 20.28
CA VAL A 71 5.43 -21.34 21.36
C VAL A 71 5.02 -20.00 21.96
N ASN A 72 4.67 -19.02 21.12
CA ASN A 72 4.25 -17.72 21.69
C ASN A 72 3.15 -17.88 22.74
N LYS A 73 2.15 -18.71 22.44
CA LYS A 73 1.06 -18.96 23.40
C LYS A 73 1.60 -19.50 24.71
N SER A 74 2.38 -20.57 24.65
CA SER A 74 2.67 -21.12 25.98
C SER A 74 3.72 -20.28 26.72
N LEU A 75 4.43 -19.40 26.01
CA LEU A 75 5.18 -18.31 26.63
C LEU A 75 4.26 -17.38 27.41
N VAL A 76 3.14 -17.01 26.79
CA VAL A 76 2.16 -16.19 27.50
C VAL A 76 1.66 -16.91 28.74
N ASP A 77 1.29 -18.17 28.58
CA ASP A 77 0.78 -18.94 29.71
C ASP A 77 1.80 -18.95 30.85
N LEU A 78 3.07 -19.14 30.50
CA LEU A 78 4.11 -19.21 31.51
C LEU A 78 4.22 -17.90 32.27
N HIS A 79 4.34 -16.78 31.55
CA HIS A 79 4.46 -15.50 32.26
C HIS A 79 3.23 -15.19 33.11
N ASP A 80 2.06 -15.68 32.71
CA ASP A 80 0.90 -15.43 33.56
C ASP A 80 0.83 -16.38 34.77
N ALA A 81 1.23 -17.64 34.63
CA ALA A 81 1.34 -18.50 35.81
C ALA A 81 2.35 -17.94 36.77
N GLN A 82 3.45 -17.40 36.26
CA GLN A 82 4.41 -16.74 37.12
C GLN A 82 3.76 -15.56 37.85
N ALA A 83 2.94 -14.77 37.15
CA ALA A 83 2.27 -13.66 37.84
C ALA A 83 1.28 -14.16 38.88
N ILE A 84 0.57 -15.25 38.57
CA ILE A 84 -0.31 -15.88 39.56
C ILE A 84 0.46 -16.31 40.81
N ALA A 85 1.57 -17.00 40.61
CA ALA A 85 2.36 -17.47 41.74
C ALA A 85 2.82 -16.29 42.60
N GLU A 86 3.43 -15.28 41.98
CA GLU A 86 3.90 -14.14 42.77
C GLU A 86 2.73 -13.45 43.47
N GLN A 87 1.54 -13.48 42.88
CA GLN A 87 0.45 -12.85 43.58
C GLN A 87 -0.02 -13.67 44.77
N ALA A 88 -0.05 -14.99 44.62
CA ALA A 88 -0.40 -15.85 45.77
C ALA A 88 0.60 -15.70 46.91
N ARG A 89 1.87 -15.50 46.55
CA ARG A 89 2.92 -15.21 47.54
C ARG A 89 2.68 -13.90 48.27
N GLN A 90 2.37 -12.83 47.55
CA GLN A 90 2.10 -11.57 48.23
C GLN A 90 0.82 -11.64 49.05
N ASP A 91 -0.10 -12.55 48.70
CA ASP A 91 -1.23 -12.83 49.57
C ASP A 91 -0.80 -13.50 50.88
N ALA A 92 0.04 -14.54 50.77
CA ALA A 92 0.59 -15.16 51.98
C ALA A 92 1.29 -14.12 52.84
N LEU A 93 2.09 -13.26 52.21
CA LEU A 93 2.76 -12.22 52.97
C LEU A 93 1.76 -11.30 53.65
N ALA A 94 0.70 -10.89 52.94
CA ALA A 94 -0.34 -10.03 53.53
C ALA A 94 -0.94 -10.69 54.75
N ALA A 95 -1.08 -12.01 54.68
CA ALA A 95 -1.61 -12.78 55.79
C ALA A 95 -0.69 -12.71 56.99
N LYS A 96 0.60 -12.95 56.79
CA LYS A 96 1.51 -12.86 57.94
C LYS A 96 1.59 -11.44 58.49
N LYS A 97 1.45 -10.43 57.63
CA LYS A 97 1.49 -9.04 58.10
C LYS A 97 0.38 -8.75 59.09
N ASP A 98 -0.87 -9.05 58.71
CA ASP A 98 -1.90 -8.74 59.71
C ASP A 98 -1.86 -9.73 60.87
N LEU A 99 -1.38 -10.96 60.68
CA LEU A 99 -1.32 -11.88 61.82
C LEU A 99 -0.35 -11.35 62.88
N ASP A 100 0.78 -10.81 62.43
CA ASP A 100 1.74 -10.17 63.34
C ASP A 100 1.19 -8.90 63.93
N ASP A 101 0.45 -8.12 63.13
CA ASP A 101 -0.21 -6.98 63.74
C ASP A 101 -1.20 -7.43 64.82
N SER A 102 -1.96 -8.50 64.58
CA SER A 102 -2.89 -9.00 65.59
C SER A 102 -2.14 -9.44 66.84
N GLN A 103 -0.99 -10.08 66.66
CA GLN A 103 -0.13 -10.45 67.78
C GLN A 103 0.15 -9.26 68.67
N ALA A 104 0.81 -8.23 68.11
CA ALA A 104 1.24 -7.13 68.96
C ALA A 104 0.09 -6.23 69.39
N GLN A 105 -1.04 -6.26 68.67
CA GLN A 105 -2.25 -5.55 69.10
C GLN A 105 -2.81 -6.16 70.39
N ILE A 106 -2.97 -7.48 70.38
CA ILE A 106 -3.42 -8.18 71.57
C ILE A 106 -2.44 -7.94 72.71
N GLU A 107 -1.15 -7.97 72.41
CA GLU A 107 -0.21 -7.76 73.49
C GLU A 107 -0.26 -6.33 74.03
N ALA A 108 -0.58 -5.36 73.18
CA ALA A 108 -0.74 -4.00 73.70
C ALA A 108 -1.93 -3.88 74.63
N ALA A 109 -3.04 -4.54 74.30
CA ALA A 109 -4.22 -4.51 75.17
C ALA A 109 -3.98 -5.30 76.46
N GLN A 110 -3.29 -6.44 76.35
CA GLN A 110 -2.91 -7.18 77.54
C GLN A 110 -2.08 -6.32 78.47
N GLU A 111 -1.13 -5.56 77.91
CA GLU A 111 -0.29 -4.73 78.76
C GLU A 111 -1.05 -3.53 79.31
N ARG A 112 -2.10 -3.07 78.64
CA ARG A 112 -2.95 -2.08 79.32
C ARG A 112 -3.73 -2.71 80.47
N LEU A 113 -4.27 -3.93 80.31
CA LEU A 113 -4.89 -4.59 81.47
C LEU A 113 -3.89 -4.73 82.60
N ASP A 114 -2.65 -5.08 82.24
CA ASP A 114 -1.54 -5.14 83.18
C ASP A 114 -1.38 -3.82 83.95
N GLU A 115 -1.29 -2.70 83.23
CA GLU A 115 -1.09 -1.43 83.94
C GLU A 115 -2.33 -1.04 84.72
N ILE A 116 -3.50 -1.51 84.29
CA ILE A 116 -4.73 -1.32 85.08
C ILE A 116 -4.64 -2.07 86.42
N SER A 117 -4.20 -3.32 86.40
CA SER A 117 -4.06 -4.04 87.66
C SER A 117 -2.98 -3.41 88.53
N ARG A 118 -1.90 -2.93 87.92
CA ARG A 118 -0.85 -2.30 88.70
C ARG A 118 -1.38 -1.07 89.42
N ALA A 119 -2.19 -0.27 88.73
CA ALA A 119 -2.81 0.88 89.39
C ALA A 119 -3.75 0.47 90.49
N ALA A 120 -4.51 -0.62 90.28
CA ALA A 120 -5.44 -1.07 91.31
C ALA A 120 -4.71 -1.40 92.60
N TYR A 121 -3.65 -2.19 92.49
CA TYR A 121 -2.90 -2.55 93.68
C TYR A 121 -2.29 -1.34 94.35
N ARG A 122 -1.72 -0.42 93.58
CA ARG A 122 -1.14 0.75 94.23
C ARG A 122 -2.22 1.61 94.88
N GLN A 123 -3.44 1.63 94.30
CA GLN A 123 -4.59 2.37 94.80
C GLN A 123 -5.34 1.61 95.90
N ASN A 124 -4.79 0.50 96.36
CA ASN A 124 -5.38 -0.18 97.51
C ASN A 124 -4.61 0.09 98.81
N GLY A 125 -4.10 1.30 99.00
CA GLY A 125 -3.48 1.69 100.26
C GLY A 125 -3.96 3.01 100.83
N GLN A 146 -15.17 6.58 95.77
CA GLN A 146 -15.99 5.38 95.64
C GLN A 146 -16.75 5.33 94.27
N THR A 147 -17.19 6.49 93.77
CA THR A 147 -17.74 6.57 92.41
C THR A 147 -16.71 6.14 91.38
N TYR A 148 -15.45 6.57 91.60
CA TYR A 148 -14.35 6.21 90.71
C TYR A 148 -14.01 4.73 90.78
N LEU A 149 -14.13 4.11 91.97
CA LEU A 149 -13.95 2.66 92.07
C LEU A 149 -14.99 1.91 91.22
N ARG A 150 -16.26 2.36 91.27
CA ARG A 150 -17.30 1.73 90.43
C ARG A 150 -16.95 1.80 88.94
N THR A 151 -16.68 3.03 88.44
CA THR A 151 -16.47 3.20 87.00
C THR A 151 -15.15 2.58 86.52
N SER A 152 -14.12 2.49 87.38
CA SER A 152 -12.89 1.80 86.97
C SER A 152 -13.08 0.29 86.94
N ALA A 153 -13.95 -0.28 87.80
CA ALA A 153 -14.29 -1.69 87.66
C ALA A 153 -14.97 -1.96 86.31
N GLU A 154 -15.89 -1.08 85.92
CA GLU A 154 -16.54 -1.24 84.61
C GLU A 154 -15.55 -1.09 83.43
N LYS A 155 -14.59 -0.16 83.54
CA LYS A 155 -13.55 -0.02 82.50
C LYS A 155 -12.71 -1.29 82.35
N GLN A 156 -12.32 -1.90 83.48
CA GLN A 156 -11.55 -3.14 83.41
C GLN A 156 -12.34 -4.27 82.74
N GLN A 157 -13.66 -4.35 82.98
CA GLN A 157 -14.44 -5.38 82.27
C GLN A 157 -14.53 -5.12 80.77
N ALA A 158 -14.65 -3.85 80.38
CA ALA A 158 -14.60 -3.50 78.95
C ALA A 158 -13.31 -4.01 78.30
N ALA A 159 -12.17 -3.78 78.95
CA ALA A 159 -10.89 -4.24 78.39
C ALA A 159 -10.83 -5.77 78.27
N VAL A 160 -11.35 -6.50 79.28
CA VAL A 160 -11.28 -7.97 79.22
C VAL A 160 -12.09 -8.51 78.04
N GLU A 161 -13.30 -7.98 77.85
CA GLU A 161 -14.13 -8.48 76.74
C GLU A 161 -13.56 -8.08 75.38
N GLU A 162 -12.93 -6.89 75.28
CA GLU A 162 -12.22 -6.52 74.05
C GLU A 162 -11.09 -7.51 73.74
N LEU A 163 -10.36 -7.93 74.76
CA LEU A 163 -9.29 -8.91 74.56
C LEU A 163 -9.85 -10.25 74.10
N ASP A 164 -10.99 -10.67 74.64
CA ASP A 164 -11.67 -11.86 74.12
C ASP A 164 -11.90 -11.76 72.61
N ARG A 165 -12.41 -10.59 72.17
CA ARG A 165 -12.58 -10.32 70.75
C ARG A 165 -11.28 -10.52 69.97
N LEU A 166 -10.26 -9.75 70.34
CA LEU A 166 -9.01 -9.78 69.59
C LEU A 166 -8.45 -11.20 69.58
N ARG A 167 -8.74 -11.98 70.62
CA ARG A 167 -8.30 -13.38 70.70
C ARG A 167 -8.90 -14.22 69.57
N THR A 168 -10.21 -14.23 69.48
CA THR A 168 -10.80 -15.08 68.44
C THR A 168 -10.50 -14.56 67.04
N GLU A 169 -10.30 -13.23 66.90
CA GLU A 169 -9.86 -12.68 65.62
C GLU A 169 -8.50 -13.22 65.22
N ASN A 170 -7.58 -13.31 66.19
CA ASN A 170 -6.24 -13.84 65.92
C ASN A 170 -6.26 -15.33 65.55
N ALA A 171 -7.16 -16.11 66.16
CA ALA A 171 -7.31 -17.50 65.72
C ALA A 171 -7.80 -17.61 64.26
N ASN A 172 -8.78 -16.76 63.90
CA ASN A 172 -9.25 -16.72 62.51
C ASN A 172 -8.12 -16.34 61.56
N LYS A 173 -7.33 -15.32 61.93
CA LYS A 173 -6.19 -14.93 61.10
C LYS A 173 -5.16 -16.05 61.00
N GLU A 174 -4.99 -16.85 62.04
CA GLU A 174 -4.06 -17.97 61.96
C GLU A 174 -4.53 -18.98 60.91
N SER A 175 -5.84 -19.23 60.83
CA SER A 175 -6.35 -20.11 59.77
C SER A 175 -6.19 -19.46 58.38
N VAL A 176 -6.39 -18.13 58.30
CA VAL A 176 -6.21 -17.42 57.03
C VAL A 176 -4.79 -17.59 56.52
N LEU A 177 -3.80 -17.45 57.40
CA LEU A 177 -2.40 -17.69 57.02
C LEU A 177 -2.15 -19.13 56.60
N ARG A 178 -2.71 -20.10 57.33
CA ARG A 178 -2.56 -21.47 56.87
C ARG A 178 -2.99 -21.60 55.41
N GLN A 179 -4.15 -21.03 55.07
CA GLN A 179 -4.64 -21.21 53.69
C GLN A 179 -3.91 -20.34 52.67
N ALA A 180 -3.52 -19.12 53.01
CA ALA A 180 -2.76 -18.33 52.06
C ALA A 180 -1.43 -19.00 51.75
N ARG A 181 -0.81 -19.60 52.76
CA ARG A 181 0.42 -20.32 52.52
C ARG A 181 0.18 -21.54 51.64
N ILE A 182 -0.90 -22.29 51.86
CA ILE A 182 -1.14 -23.46 51.00
C ILE A 182 -1.44 -23.03 49.57
N VAL A 183 -2.13 -21.90 49.39
CA VAL A 183 -2.46 -21.44 48.04
C VAL A 183 -1.19 -21.03 47.31
N ALA A 184 -0.27 -20.36 47.99
CA ALA A 184 0.99 -20.04 47.35
C ALA A 184 1.79 -21.30 47.08
N GLU A 185 1.76 -22.28 47.99
CA GLU A 185 2.44 -23.54 47.73
C GLU A 185 1.95 -24.16 46.43
N GLN A 186 0.62 -24.24 46.28
CA GLN A 186 0.03 -24.85 45.10
C GLN A 186 0.38 -24.10 43.82
N ARG A 187 0.16 -22.79 43.78
CA ARG A 187 0.30 -22.14 42.48
C ARG A 187 1.75 -21.82 42.13
N GLU A 188 2.67 -21.83 43.12
CA GLU A 188 4.09 -21.95 42.82
C GLU A 188 4.40 -23.26 42.11
N ALA A 189 3.85 -24.36 42.61
CA ALA A 189 4.06 -25.62 41.92
C ALA A 189 3.50 -25.57 40.50
N GLU A 190 2.32 -24.95 40.35
CA GLU A 190 1.71 -24.79 39.03
C GLU A 190 2.66 -24.08 38.06
N ALA A 191 3.33 -23.03 38.55
CA ALA A 191 4.28 -22.30 37.71
C ALA A 191 5.55 -23.10 37.41
N VAL A 192 6.05 -23.88 38.36
CA VAL A 192 7.19 -24.73 38.05
C VAL A 192 6.86 -25.65 36.87
N GLU A 193 5.69 -26.33 36.95
CA GLU A 193 5.28 -27.26 35.87
C GLU A 193 5.19 -26.57 34.54
N LYS A 194 4.42 -25.46 34.48
CA LYS A 194 4.16 -24.82 33.20
C LYS A 194 5.45 -24.24 32.60
N GLN A 195 6.41 -23.89 33.48
CA GLN A 195 7.73 -23.43 33.04
C GLN A 195 8.48 -24.51 32.28
N VAL A 196 8.62 -25.67 32.91
CA VAL A 196 9.35 -26.72 32.21
C VAL A 196 8.60 -27.13 30.95
N GLN A 197 7.27 -27.13 31.04
CA GLN A 197 6.43 -27.48 29.90
C GLN A 197 6.81 -26.66 28.68
N THR A 198 6.89 -25.34 28.85
CA THR A 198 7.15 -24.58 27.64
C THR A 198 8.63 -24.60 27.27
N GLU A 199 9.57 -24.81 28.18
CA GLU A 199 10.94 -24.99 27.70
C GLU A 199 11.04 -26.19 26.77
N ALA A 200 10.32 -27.28 27.11
CA ALA A 200 10.34 -28.49 26.30
C ALA A 200 9.54 -28.33 25.00
N ALA A 201 8.40 -27.64 25.09
CA ALA A 201 7.65 -27.31 23.89
C ALA A 201 8.51 -26.51 22.91
N ILE A 202 9.32 -25.58 23.41
CA ILE A 202 10.28 -24.87 22.57
C ILE A 202 11.26 -25.83 21.91
N ALA A 203 11.81 -26.76 22.68
CA ALA A 203 12.75 -27.68 22.05
C ALA A 203 12.10 -28.39 20.87
N ALA A 204 10.91 -28.93 21.10
CA ALA A 204 10.23 -29.69 20.05
C ALA A 204 9.94 -28.83 18.83
N ASN A 205 9.43 -27.61 19.07
CA ASN A 205 9.02 -26.78 17.96
C ASN A 205 10.21 -26.17 17.23
N SER A 206 11.32 -25.88 17.91
CA SER A 206 12.51 -25.47 17.19
C SER A 206 12.97 -26.56 16.23
N GLU A 207 12.95 -27.82 16.69
CA GLU A 207 13.41 -28.88 15.79
C GLU A 207 12.47 -29.04 14.60
N GLN A 208 11.16 -29.12 14.86
CA GLN A 208 10.18 -29.24 13.78
C GLN A 208 10.24 -28.05 12.82
N LEU A 209 10.48 -26.84 13.34
CA LEU A 209 10.63 -25.70 12.46
C LEU A 209 11.87 -25.83 11.60
N ASN A 210 12.97 -26.35 12.16
CA ASN A 210 14.16 -26.47 11.36
C ASN A 210 13.92 -27.41 10.18
N VAL A 211 13.15 -28.47 10.42
CA VAL A 211 12.68 -29.31 9.32
C VAL A 211 11.89 -28.49 8.29
N LEU A 212 10.91 -27.71 8.76
CA LEU A 212 10.06 -27.00 7.81
C LEU A 212 10.90 -26.08 6.94
N THR A 213 11.86 -25.40 7.53
CA THR A 213 12.63 -24.44 6.76
C THR A 213 13.62 -25.11 5.82
N ASN A 214 14.08 -26.32 6.12
CA ASN A 214 14.82 -27.05 5.10
C ASN A 214 13.94 -27.31 3.89
N ASN A 215 12.71 -27.74 4.14
CA ASN A 215 11.80 -27.94 3.03
C ASN A 215 11.57 -26.63 2.26
N ARG A 216 11.37 -25.52 3.00
CA ARG A 216 11.10 -24.23 2.37
C ARG A 216 12.25 -23.78 1.48
N SER A 217 13.50 -23.99 1.93
CA SER A 217 14.62 -23.56 1.10
C SER A 217 14.70 -24.38 -0.18
N THR A 218 14.44 -25.70 -0.10
CA THR A 218 14.42 -26.44 -1.36
C THR A 218 13.27 -25.99 -2.26
N LEU A 219 12.11 -25.65 -1.69
CA LEU A 219 11.02 -25.15 -2.52
C LEU A 219 11.39 -23.84 -3.19
N VAL A 220 12.06 -22.95 -2.46
CA VAL A 220 12.38 -21.71 -3.12
C VAL A 220 13.49 -21.91 -4.14
N ALA A 221 14.37 -22.89 -3.92
CA ALA A 221 15.34 -23.25 -4.97
C ALA A 221 14.63 -23.59 -6.26
N GLN A 222 13.72 -24.58 -6.17
CA GLN A 222 12.89 -24.95 -7.31
C GLN A 222 12.30 -23.70 -7.95
N ARG A 223 11.85 -22.77 -7.10
CA ARG A 223 11.12 -21.60 -7.59
C ARG A 223 12.04 -20.66 -8.38
N ASP A 224 13.25 -20.43 -7.89
CA ASP A 224 14.17 -19.57 -8.60
C ASP A 224 14.53 -20.18 -9.95
N GLY A 225 14.71 -21.50 -9.98
CA GLY A 225 14.99 -22.16 -11.25
C GLY A 225 13.83 -22.03 -12.23
N ALA A 226 12.62 -22.28 -11.74
CA ALA A 226 11.45 -22.18 -12.61
C ALA A 226 11.26 -20.77 -13.15
N GLU A 227 11.46 -19.76 -12.31
CA GLU A 227 11.39 -18.38 -12.79
C GLU A 227 12.42 -18.12 -13.87
N ARG A 228 13.62 -18.66 -13.66
CA ARG A 228 14.71 -18.45 -14.61
C ARG A 228 14.33 -19.06 -15.98
N ASN A 229 13.70 -20.24 -15.96
CA ASN A 229 13.17 -20.85 -17.18
C ASN A 229 12.05 -20.01 -17.80
N LEU A 230 11.15 -19.46 -16.98
CA LEU A 230 10.09 -18.62 -17.52
C LEU A 230 10.68 -17.43 -18.27
N ALA A 231 11.74 -16.86 -17.73
CA ALA A 231 12.40 -15.78 -18.46
C ALA A 231 12.90 -16.29 -19.79
N ILE A 232 13.44 -17.51 -19.82
CA ILE A 232 13.85 -18.10 -21.09
C ILE A 232 12.67 -18.16 -22.06
N ALA A 233 11.51 -18.60 -21.58
CA ALA A 233 10.33 -18.72 -22.43
C ALA A 233 9.86 -17.38 -22.97
N ARG A 234 9.77 -16.37 -22.11
CA ARG A 234 9.34 -15.07 -22.59
C ARG A 234 10.28 -14.59 -23.67
N ALA A 235 11.58 -14.82 -23.49
CA ALA A 235 12.54 -14.38 -24.49
C ALA A 235 12.31 -15.12 -25.80
N GLN A 236 12.15 -16.44 -25.72
CA GLN A 236 11.99 -17.18 -26.96
C GLN A 236 10.73 -16.74 -27.70
N ALA A 237 9.65 -16.49 -26.97
CA ALA A 237 8.41 -16.04 -27.61
C ALA A 237 8.60 -14.69 -28.31
N ASP A 238 9.10 -13.68 -27.59
CA ASP A 238 9.09 -12.39 -28.24
C ASP A 238 10.35 -12.11 -29.07
N ASN A 239 11.53 -12.33 -28.51
CA ASN A 239 12.74 -12.22 -29.30
C ASN A 239 12.67 -13.11 -30.55
N LEU A 240 11.96 -14.25 -30.49
CA LEU A 240 11.92 -15.17 -31.64
C LEU A 240 10.98 -14.70 -32.74
N GLN A 241 9.68 -14.74 -32.48
CA GLN A 241 8.71 -14.30 -33.47
C GLN A 241 8.87 -12.80 -33.63
N GLY A 242 9.36 -12.35 -34.78
CA GLY A 242 9.66 -10.95 -34.89
C GLY A 242 8.44 -10.07 -34.70
N GLN A 243 8.63 -8.78 -34.89
CA GLN A 243 7.62 -7.75 -34.74
C GLN A 243 6.24 -8.11 -35.30
N ARG A 244 6.11 -8.28 -36.63
CA ARG A 244 4.78 -8.52 -37.20
C ARG A 244 4.11 -9.78 -36.65
N ALA A 245 4.86 -10.75 -36.11
CA ALA A 245 4.24 -11.93 -35.51
C ALA A 245 3.44 -11.60 -34.24
N GLU A 246 4.08 -10.97 -33.26
CA GLU A 246 3.34 -10.51 -32.10
C GLU A 246 2.32 -9.46 -32.51
N TYR A 247 2.58 -8.73 -33.58
CA TYR A 247 1.60 -7.74 -34.02
C TYR A 247 0.29 -8.41 -34.40
N GLU A 248 0.37 -9.49 -35.18
CA GLU A 248 -0.82 -10.25 -35.54
C GLU A 248 -1.52 -10.81 -34.29
N GLU A 249 -0.74 -11.45 -33.39
CA GLU A 249 -1.32 -12.06 -32.19
C GLU A 249 -2.02 -11.01 -31.33
N PHE A 250 -1.40 -9.84 -31.22
CA PHE A 250 -1.94 -8.72 -30.45
C PHE A 250 -3.23 -8.21 -31.06
N GLN A 251 -3.23 -7.97 -32.38
CA GLN A 251 -4.46 -7.48 -32.99
C GLN A 251 -5.60 -8.47 -32.76
N GLN A 252 -5.29 -9.77 -32.78
CA GLN A 252 -6.29 -10.80 -32.50
C GLN A 252 -6.85 -10.66 -31.08
N ALA A 253 -5.97 -10.56 -30.09
CA ALA A 253 -6.46 -10.47 -28.72
C ALA A 253 -7.15 -9.13 -28.45
N GLU A 254 -6.76 -8.06 -29.14
CA GLU A 254 -7.43 -6.78 -28.96
C GLU A 254 -8.83 -6.85 -29.53
N GLN A 255 -8.98 -7.50 -30.68
CA GLN A 255 -10.30 -7.70 -31.26
C GLN A 255 -11.17 -8.59 -30.38
N ALA A 256 -10.61 -9.71 -29.90
CA ALA A 256 -11.38 -10.59 -29.01
C ALA A 256 -11.74 -9.89 -27.70
N ARG A 257 -10.90 -8.96 -27.24
CA ARG A 257 -11.24 -8.16 -26.07
C ARG A 257 -12.44 -7.26 -26.33
N ILE A 258 -12.42 -6.51 -27.43
CA ILE A 258 -13.56 -5.61 -27.70
C ILE A 258 -14.85 -6.42 -27.94
N GLN A 259 -14.77 -7.54 -28.67
CA GLN A 259 -15.96 -8.35 -28.93
C GLN A 259 -16.51 -8.97 -27.65
N ALA A 260 -15.67 -9.66 -26.86
CA ALA A 260 -16.18 -10.35 -25.68
C ALA A 260 -16.66 -9.33 -24.65
N GLU A 261 -16.06 -8.14 -24.63
CA GLU A 261 -16.53 -7.04 -23.79
C GLU A 261 -17.93 -6.60 -24.22
N ALA A 262 -18.16 -6.47 -25.53
CA ALA A 262 -19.49 -6.12 -26.03
C ALA A 262 -20.51 -7.22 -25.73
N GLU A 263 -20.14 -8.48 -25.98
CA GLU A 263 -20.99 -9.62 -25.70
C GLU A 263 -21.41 -9.64 -24.23
N ALA A 264 -20.44 -9.45 -23.33
CA ALA A 264 -20.73 -9.41 -21.91
C ALA A 264 -21.63 -8.23 -21.59
N GLN A 265 -21.45 -7.13 -22.30
CA GLN A 265 -22.31 -5.98 -22.05
C GLN A 265 -23.77 -6.33 -22.40
N ALA A 266 -23.95 -7.11 -23.48
CA ALA A 266 -25.29 -7.51 -23.90
C ALA A 266 -25.92 -8.52 -22.93
N ALA A 267 -25.15 -9.52 -22.49
CA ALA A 267 -25.68 -10.46 -21.50
C ALA A 267 -26.04 -9.75 -20.20
N ALA A 268 -25.30 -8.70 -19.84
CA ALA A 268 -25.62 -7.94 -18.62
C ALA A 268 -26.93 -7.16 -18.78
N GLU A 269 -27.14 -6.51 -19.93
CA GLU A 269 -28.39 -5.79 -20.14
C GLU A 269 -29.59 -6.74 -20.08
N GLU A 270 -29.51 -7.88 -20.76
CA GLU A 270 -30.62 -8.82 -20.74
C GLU A 270 -30.84 -9.44 -19.36
N LYS A 271 -29.76 -9.70 -18.59
CA LYS A 271 -29.98 -10.20 -17.24
C LYS A 271 -30.72 -9.18 -16.40
N ARG A 272 -30.36 -7.89 -16.52
CA ARG A 272 -31.06 -6.85 -15.77
C ARG A 272 -32.54 -6.84 -16.14
N ARG A 273 -32.85 -6.91 -17.44
CA ARG A 273 -34.26 -6.86 -17.82
C ARG A 273 -35.02 -8.13 -17.45
N ALA A 274 -34.38 -9.30 -17.57
CA ALA A 274 -35.02 -10.54 -17.13
C ALA A 274 -35.28 -10.52 -15.63
N ASP A 275 -34.41 -9.83 -14.87
CA ASP A 275 -34.61 -9.65 -13.44
C ASP A 275 -35.84 -8.78 -13.16
N GLU A 276 -35.99 -7.69 -13.94
CA GLU A 276 -37.22 -6.90 -13.88
C GLU A 276 -38.44 -7.76 -14.15
N ALA A 277 -38.32 -8.67 -15.12
CA ALA A 277 -39.42 -9.56 -15.47
C ALA A 277 -39.76 -10.53 -14.35
N ALA A 278 -38.73 -11.11 -13.73
CA ALA A 278 -38.96 -11.96 -12.55
C ALA A 278 -39.70 -11.18 -11.48
N ALA A 279 -39.36 -9.91 -11.29
CA ALA A 279 -40.02 -9.09 -10.27
C ALA A 279 -41.50 -8.89 -10.58
N GLN A 280 -41.81 -8.50 -11.82
CA GLN A 280 -43.21 -8.29 -12.20
C GLN A 280 -44.04 -9.56 -12.10
N ALA A 281 -43.51 -10.69 -12.59
CA ALA A 281 -44.27 -11.93 -12.49
C ALA A 281 -44.44 -12.37 -11.03
N ALA A 282 -43.42 -12.18 -10.19
CA ALA A 282 -43.53 -12.54 -8.79
C ALA A 282 -44.58 -11.70 -8.07
N ALA A 283 -44.57 -10.38 -8.30
CA ALA A 283 -45.56 -9.52 -7.66
C ALA A 283 -46.97 -9.85 -8.12
N GLU A 284 -47.15 -10.09 -9.43
CA GLU A 284 -48.47 -10.48 -9.92
C GLU A 284 -48.93 -11.79 -9.29
N ALA A 285 -48.03 -12.77 -9.18
CA ALA A 285 -48.36 -14.02 -8.48
C ALA A 285 -48.83 -13.75 -7.06
N GLN A 286 -48.13 -12.87 -6.36
CA GLN A 286 -48.47 -12.57 -4.97
C GLN A 286 -49.84 -11.89 -4.85
N GLU A 287 -50.12 -10.96 -5.76
CA GLU A 287 -51.45 -10.34 -5.81
C GLU A 287 -52.54 -11.40 -5.96
N ALA A 288 -52.39 -12.29 -6.95
CA ALA A 288 -53.43 -13.28 -7.21
C ALA A 288 -53.58 -14.25 -6.05
N ALA A 289 -52.48 -14.60 -5.38
CA ALA A 289 -52.57 -15.46 -4.21
C ALA A 289 -53.30 -14.75 -3.06
N GLN A 290 -53.11 -13.44 -2.92
CA GLN A 290 -53.84 -12.69 -1.89
C GLN A 290 -55.35 -12.65 -2.18
N GLN A 291 -55.74 -12.49 -3.44
CA GLN A 291 -57.16 -12.56 -3.74
C GLN A 291 -57.71 -13.95 -3.46
N ALA A 292 -56.91 -14.98 -3.70
CA ALA A 292 -57.30 -16.33 -3.26
C ALA A 292 -57.51 -16.37 -1.75
N GLN A 293 -56.62 -15.71 -1.01
CA GLN A 293 -56.70 -15.68 0.45
C GLN A 293 -57.98 -15.01 0.92
N ALA A 294 -58.35 -13.89 0.29
CA ALA A 294 -59.59 -13.20 0.62
C ALA A 294 -60.80 -14.05 0.29
N ALA A 295 -60.71 -14.85 -0.77
CA ALA A 295 -61.77 -15.82 -1.02
C ALA A 295 -61.89 -16.82 0.12
N GLU A 296 -60.78 -17.32 0.64
CA GLU A 296 -60.83 -18.21 1.80
C GLU A 296 -61.59 -17.56 2.95
N GLU A 297 -61.24 -16.32 3.27
CA GLU A 297 -61.91 -15.56 4.32
C GLU A 297 -63.41 -15.54 4.06
N ALA A 298 -63.80 -14.87 2.97
CA ALA A 298 -65.22 -14.62 2.73
C ALA A 298 -66.00 -15.93 2.65
N GLN A 299 -65.37 -17.01 2.23
CA GLN A 299 -66.06 -18.29 2.18
C GLN A 299 -66.30 -18.86 3.57
N ALA A 300 -65.29 -18.85 4.44
CA ALA A 300 -65.56 -19.33 5.79
C ALA A 300 -66.54 -18.43 6.53
N ALA A 301 -66.56 -17.14 6.20
CA ALA A 301 -67.49 -16.21 6.83
C ALA A 301 -68.93 -16.47 6.39
N GLN A 302 -69.16 -16.58 5.08
CA GLN A 302 -70.43 -17.09 4.57
C GLN A 302 -70.82 -18.41 5.22
N ALA A 303 -69.84 -19.31 5.39
CA ALA A 303 -70.10 -20.62 5.98
C ALA A 303 -70.61 -20.52 7.42
N ALA A 304 -69.94 -19.69 8.23
CA ALA A 304 -70.36 -19.52 9.62
C ALA A 304 -71.74 -18.88 9.72
N GLU A 305 -72.00 -17.85 8.89
CA GLU A 305 -73.31 -17.19 8.94
C GLU A 305 -74.45 -18.12 8.49
N THR A 306 -74.28 -18.89 7.41
CA THR A 306 -75.33 -19.86 7.08
C THR A 306 -75.42 -20.97 8.11
N ALA A 307 -74.32 -21.32 8.79
CA ALA A 307 -74.40 -22.27 9.91
C ALA A 307 -75.23 -21.71 11.07
N GLN A 308 -75.23 -20.39 11.26
CA GLN A 308 -75.92 -19.74 12.38
C GLN A 308 -77.35 -19.29 12.06
N ALA A 309 -77.80 -19.33 10.80
CA ALA A 309 -79.22 -19.02 10.55
C ALA A 309 -80.14 -20.24 10.80
N ALA A 315 -87.15 -21.92 3.43
CA ALA A 315 -87.57 -22.54 2.15
C ALA A 315 -86.87 -21.95 0.89
N GLU A 316 -87.48 -20.85 0.42
CA GLU A 316 -86.85 -20.03 -0.60
C GLU A 316 -85.65 -19.26 -0.03
N THR A 317 -85.77 -18.74 1.19
CA THR A 317 -84.62 -18.22 1.93
C THR A 317 -83.51 -19.26 2.00
N GLN A 318 -83.90 -20.53 2.19
CA GLN A 318 -82.97 -21.66 2.24
C GLN A 318 -82.24 -21.85 0.89
N ALA A 319 -82.99 -21.78 -0.21
CA ALA A 319 -82.35 -21.85 -1.52
C ALA A 319 -81.43 -20.65 -1.76
N ALA A 320 -81.80 -19.46 -1.28
CA ALA A 320 -80.94 -18.28 -1.44
C ALA A 320 -79.61 -18.45 -0.72
N GLN A 321 -79.65 -18.99 0.51
CA GLN A 321 -78.41 -19.28 1.23
C GLN A 321 -77.54 -20.25 0.45
N ALA A 322 -78.15 -21.33 -0.07
CA ALA A 322 -77.34 -22.34 -0.76
C ALA A 322 -76.74 -21.81 -2.06
N ALA A 323 -77.49 -20.97 -2.78
CA ALA A 323 -76.96 -20.37 -4.00
C ALA A 323 -75.80 -19.43 -3.68
N GLN A 324 -75.91 -18.65 -2.60
CA GLN A 324 -74.78 -17.81 -2.22
C GLN A 324 -73.57 -18.64 -1.81
N ALA A 325 -73.78 -19.78 -1.17
CA ALA A 325 -72.66 -20.65 -0.85
C ALA A 325 -72.00 -21.19 -2.12
N GLN A 326 -72.81 -21.57 -3.12
CA GLN A 326 -72.25 -22.01 -4.39
C GLN A 326 -71.45 -20.90 -5.06
N ALA A 327 -71.99 -19.68 -5.09
CA ALA A 327 -71.28 -18.56 -5.71
C ALA A 327 -69.97 -18.28 -4.98
N GLU A 328 -69.99 -18.40 -3.65
CA GLU A 328 -68.77 -18.25 -2.88
C GLU A 328 -67.73 -19.27 -3.29
N ALA A 329 -68.11 -20.56 -3.32
CA ALA A 329 -67.13 -21.59 -3.66
C ALA A 329 -66.60 -21.42 -5.08
N ASN A 330 -67.48 -21.00 -6.00
CA ASN A 330 -67.06 -20.75 -7.37
C ASN A 330 -66.02 -19.64 -7.43
N ASP A 331 -66.31 -18.49 -6.80
CA ASP A 331 -65.34 -17.41 -6.82
C ASP A 331 -64.02 -17.86 -6.20
N ARG A 332 -64.07 -18.70 -5.17
CA ARG A 332 -62.83 -19.14 -4.53
C ARG A 332 -61.99 -19.95 -5.49
N ALA A 333 -62.54 -21.03 -6.04
CA ALA A 333 -61.73 -21.86 -6.93
C ALA A 333 -61.26 -21.08 -8.16
N ALA A 334 -62.03 -20.08 -8.60
CA ALA A 334 -61.62 -19.26 -9.75
C ALA A 334 -60.39 -18.43 -9.44
N ALA A 335 -60.47 -17.64 -8.36
CA ALA A 335 -59.31 -16.85 -7.94
C ALA A 335 -58.13 -17.73 -7.53
N GLN A 336 -58.41 -18.95 -7.04
CA GLN A 336 -57.35 -19.87 -6.63
C GLN A 336 -56.61 -20.43 -7.84
N GLN A 337 -57.34 -20.82 -8.88
CA GLN A 337 -56.68 -21.29 -10.09
C GLN A 337 -55.90 -20.18 -10.76
N ARG A 338 -56.47 -18.96 -10.81
CA ARG A 338 -55.73 -17.86 -11.39
C ARG A 338 -54.47 -17.50 -10.58
N ALA A 339 -54.54 -17.68 -9.24
CA ALA A 339 -53.37 -17.48 -8.40
C ALA A 339 -52.28 -18.54 -8.67
N ALA A 340 -52.70 -19.81 -8.81
CA ALA A 340 -51.73 -20.87 -9.13
C ALA A 340 -51.06 -20.64 -10.49
N GLU A 341 -51.83 -20.18 -11.48
CA GLU A 341 -51.29 -19.86 -12.80
C GLU A 341 -50.25 -18.75 -12.71
N ALA A 342 -50.62 -17.63 -12.08
CA ALA A 342 -49.67 -16.52 -11.97
C ALA A 342 -48.41 -16.90 -11.19
N GLN A 343 -48.54 -17.84 -10.24
CA GLN A 343 -47.36 -18.20 -9.47
C GLN A 343 -46.43 -19.12 -10.27
N ALA A 344 -46.98 -20.07 -11.05
CA ALA A 344 -46.11 -20.86 -11.92
C ALA A 344 -45.43 -19.97 -12.97
N ALA A 345 -46.13 -18.90 -13.40
CA ALA A 345 -45.54 -17.92 -14.31
C ALA A 345 -44.39 -17.16 -13.65
N ALA A 346 -44.57 -16.74 -12.39
CA ALA A 346 -43.48 -16.12 -11.66
C ALA A 346 -42.29 -17.06 -11.48
N GLU A 347 -42.54 -18.37 -11.33
CA GLU A 347 -41.46 -19.35 -11.21
C GLU A 347 -40.65 -19.45 -12.50
N GLN A 348 -41.33 -19.52 -13.66
CA GLN A 348 -40.61 -19.45 -14.93
C GLN A 348 -39.80 -18.16 -15.06
N ALA A 349 -40.41 -17.02 -14.71
CA ALA A 349 -39.68 -15.75 -14.85
C ALA A 349 -38.43 -15.72 -13.99
N GLN A 350 -38.51 -16.34 -12.81
CA GLN A 350 -37.35 -16.38 -11.91
C GLN A 350 -36.28 -17.36 -12.40
N ARG A 351 -36.69 -18.49 -12.98
CA ARG A 351 -35.72 -19.41 -13.59
C ARG A 351 -35.01 -18.74 -14.77
N GLU A 352 -35.75 -17.96 -15.56
CA GLU A 352 -35.09 -17.21 -16.63
C GLU A 352 -34.19 -16.11 -16.08
N ALA A 353 -34.63 -15.39 -15.07
CA ALA A 353 -33.79 -14.33 -14.54
C ALA A 353 -32.50 -14.87 -13.94
N ASP A 354 -32.51 -16.08 -13.36
CA ASP A 354 -31.24 -16.60 -12.85
C ASP A 354 -30.43 -17.40 -13.88
N ALA A 355 -31.06 -18.01 -14.89
CA ALA A 355 -30.26 -18.49 -16.03
C ALA A 355 -29.52 -17.35 -16.71
N GLN A 356 -30.18 -16.19 -16.82
CA GLN A 356 -29.56 -15.04 -17.45
C GLN A 356 -28.55 -14.35 -16.54
N ALA A 357 -28.77 -14.34 -15.22
CA ALA A 357 -27.73 -13.84 -14.31
C ALA A 357 -26.50 -14.75 -14.29
N ALA A 358 -26.71 -16.07 -14.43
CA ALA A 358 -25.60 -17.00 -14.57
C ALA A 358 -24.80 -16.74 -15.85
N ASN A 359 -25.48 -16.52 -16.97
CA ASN A 359 -24.73 -16.20 -18.19
C ASN A 359 -24.04 -14.84 -18.12
N ASP A 360 -24.65 -13.84 -17.47
CA ASP A 360 -23.95 -12.55 -17.33
C ASP A 360 -22.66 -12.72 -16.53
N ALA A 361 -22.70 -13.48 -15.43
CA ALA A 361 -21.47 -13.72 -14.70
C ALA A 361 -20.46 -14.48 -15.55
N GLN A 362 -20.91 -15.52 -16.25
CA GLN A 362 -20.03 -16.35 -17.06
C GLN A 362 -19.36 -15.54 -18.17
N ALA A 363 -20.14 -14.70 -18.84
CA ALA A 363 -19.64 -13.86 -19.92
C ALA A 363 -18.77 -12.72 -19.41
N GLN A 364 -19.03 -12.21 -18.20
CA GLN A 364 -18.13 -11.22 -17.64
C GLN A 364 -16.77 -11.82 -17.29
N ALA A 365 -16.76 -13.09 -16.87
CA ALA A 365 -15.51 -13.82 -16.66
C ALA A 365 -14.70 -13.92 -17.96
N LEU A 366 -15.36 -14.37 -19.05
CA LEU A 366 -14.68 -14.34 -20.35
C LEU A 366 -14.25 -12.93 -20.77
N ARG A 367 -15.03 -11.91 -20.41
CA ARG A 367 -14.65 -10.54 -20.76
C ARG A 367 -13.35 -10.13 -20.11
N GLU A 368 -13.21 -10.31 -18.81
CA GLU A 368 -11.93 -9.88 -18.25
C GLU A 368 -10.81 -10.89 -18.50
N GLN A 369 -11.15 -12.14 -18.79
CA GLN A 369 -10.14 -13.08 -19.24
C GLN A 369 -9.50 -12.63 -20.55
N ALA A 370 -10.34 -12.25 -21.53
CA ALA A 370 -9.80 -11.79 -22.81
C ALA A 370 -9.17 -10.41 -22.69
N LEU A 371 -9.71 -9.55 -21.83
CA LEU A 371 -9.08 -8.26 -21.59
C LEU A 371 -7.66 -8.41 -21.09
N THR A 372 -7.46 -9.32 -20.14
CA THR A 372 -6.13 -9.62 -19.62
C THR A 372 -5.20 -10.23 -20.67
N ALA A 373 -5.66 -11.24 -21.40
CA ALA A 373 -4.82 -11.83 -22.45
C ALA A 373 -4.42 -10.79 -23.49
N ALA A 374 -5.31 -9.82 -23.75
CA ALA A 374 -4.98 -8.69 -24.64
C ALA A 374 -3.88 -7.82 -24.05
N SER A 375 -3.98 -7.47 -22.77
CA SER A 375 -2.95 -6.62 -22.17
C SER A 375 -1.58 -7.29 -22.20
N ILE A 376 -1.53 -8.59 -21.91
CA ILE A 376 -0.23 -9.28 -21.94
C ILE A 376 0.30 -9.36 -23.37
N ALA A 377 -0.56 -9.61 -24.36
CA ALA A 377 -0.08 -9.60 -25.73
C ALA A 377 0.40 -8.20 -26.13
N ALA A 378 -0.14 -7.14 -25.53
CA ALA A 378 0.40 -5.80 -25.73
C ALA A 378 1.80 -5.68 -25.17
N ALA A 379 2.00 -6.23 -23.96
CA ALA A 379 3.33 -6.27 -23.36
C ALA A 379 4.31 -7.04 -24.24
N ALA A 380 3.86 -8.13 -24.86
CA ALA A 380 4.73 -8.91 -25.73
C ALA A 380 5.11 -8.17 -27.00
N LEU A 381 4.16 -7.49 -27.66
CA LEU A 381 4.57 -6.64 -28.79
C LEU A 381 5.69 -5.70 -28.37
N ILE A 382 5.52 -4.99 -27.26
CA ILE A 382 6.59 -4.06 -26.89
C ILE A 382 7.90 -4.79 -26.64
N ALA A 383 7.85 -5.94 -25.97
CA ALA A 383 9.07 -6.68 -25.66
C ALA A 383 9.84 -7.04 -26.94
N ALA A 384 9.13 -7.57 -27.93
CA ALA A 384 9.69 -7.88 -29.24
C ALA A 384 10.05 -6.64 -30.02
N SER A 385 9.65 -5.46 -29.56
CA SER A 385 10.03 -4.23 -30.24
C SER A 385 11.37 -3.66 -29.78
N GLN A 386 11.95 -4.15 -28.66
CA GLN A 386 13.19 -3.54 -28.17
C GLN A 386 14.27 -4.55 -27.83
N SER A 387 15.51 -4.07 -27.92
CA SER A 387 16.68 -4.89 -27.71
C SER A 387 16.76 -5.32 -26.26
N SER A 388 17.48 -6.42 -26.02
CA SER A 388 17.78 -6.79 -24.64
C SER A 388 18.58 -5.67 -23.99
N HIS A 389 18.02 -5.05 -22.97
CA HIS A 389 18.69 -3.93 -22.31
C HIS A 389 19.44 -4.42 -21.09
N ALA A 390 20.00 -5.63 -21.27
CA ALA A 390 20.81 -6.31 -20.27
C ALA A 390 22.21 -6.78 -20.72
N THR A 391 22.49 -7.03 -22.01
CA THR A 391 23.80 -7.53 -22.46
C THR A 391 24.58 -6.43 -23.19
N THR A 392 25.72 -6.78 -23.77
CA THR A 392 26.23 -5.87 -24.78
C THR A 392 26.38 -6.49 -26.13
N GLN A 393 26.66 -7.79 -26.22
CA GLN A 393 26.99 -8.41 -27.50
C GLN A 393 25.91 -8.08 -28.52
N ASN A 394 26.33 -7.56 -29.67
CA ASN A 394 25.42 -7.02 -30.67
C ASN A 394 24.54 -8.11 -31.25
N PRO A 395 23.26 -8.06 -31.05
CA PRO A 395 22.40 -9.14 -31.54
C PRO A 395 22.07 -8.98 -33.01
N TYR A 396 22.86 -8.20 -33.75
CA TYR A 396 22.70 -7.91 -35.18
C TYR A 396 23.74 -8.65 -36.01
N PRO A 397 23.54 -8.73 -37.32
CA PRO A 397 24.56 -9.34 -38.19
C PRO A 397 25.84 -8.52 -38.28
N THR A 398 26.95 -9.22 -38.55
CA THR A 398 28.24 -8.58 -38.71
C THR A 398 28.67 -8.45 -40.17
N ASP A 399 28.57 -9.51 -40.98
CA ASP A 399 28.82 -9.37 -42.43
C ASP A 399 27.61 -8.76 -43.13
N GLU A 400 27.84 -7.86 -44.11
CA GLU A 400 26.77 -7.21 -44.86
C GLU A 400 26.12 -8.25 -45.74
N ASP A 401 25.57 -9.28 -45.10
CA ASP A 401 25.27 -10.51 -45.80
C ASP A 401 24.06 -11.17 -45.16
N ALA A 402 23.01 -10.41 -44.90
CA ALA A 402 21.79 -10.95 -44.30
C ALA A 402 20.75 -9.85 -44.19
N ASP A 403 19.61 -10.15 -43.59
CA ASP A 403 18.69 -9.07 -43.24
C ASP A 403 17.64 -9.40 -42.17
N PRO A 404 17.84 -9.00 -40.87
CA PRO A 404 16.91 -9.42 -39.80
C PRO A 404 15.70 -8.54 -39.60
N THR A 405 14.96 -8.90 -38.55
CA THR A 405 14.14 -7.90 -37.91
C THR A 405 15.06 -6.90 -37.22
N ASP A 406 14.55 -5.71 -37.00
CA ASP A 406 15.36 -4.66 -36.41
C ASP A 406 14.53 -3.93 -35.38
N ILE A 407 15.14 -3.65 -34.22
CA ILE A 407 14.37 -3.28 -33.04
C ILE A 407 14.22 -1.76 -33.00
N ALA A 408 13.14 -1.32 -32.34
CA ALA A 408 12.79 0.09 -32.24
C ALA A 408 13.81 0.83 -31.39
N ASP A 409 13.73 2.15 -31.43
CA ASP A 409 14.81 2.99 -30.94
C ASP A 409 14.28 3.82 -29.77
N ILE A 410 14.99 3.79 -28.64
CA ILE A 410 14.36 4.11 -27.36
C ILE A 410 15.03 5.26 -26.62
N GLN A 411 16.05 5.86 -27.19
CA GLN A 411 16.85 6.85 -26.48
C GLN A 411 16.44 8.26 -26.88
N GLY A 412 16.57 9.20 -25.93
CA GLY A 412 16.41 10.61 -26.24
C GLY A 412 17.39 11.03 -27.35
N ASP A 460 -11.27 3.80 -20.26
CA ASP A 460 -10.83 5.19 -20.06
C ASP A 460 -9.52 5.19 -19.27
N ARG A 461 -9.02 6.39 -18.97
CA ARG A 461 -7.78 6.57 -18.22
C ARG A 461 -7.76 5.87 -16.87
N SER A 462 -8.86 5.94 -16.11
CA SER A 462 -8.87 5.30 -14.80
C SER A 462 -8.66 3.79 -14.90
N ALA A 463 -9.35 3.15 -15.84
CA ALA A 463 -9.20 1.71 -16.06
C ALA A 463 -7.78 1.36 -16.46
N GLN A 464 -7.20 2.21 -17.32
CA GLN A 464 -5.84 2.05 -17.83
C GLN A 464 -4.82 2.08 -16.70
N ILE A 465 -4.92 3.07 -15.80
CA ILE A 465 -3.99 3.14 -14.67
C ILE A 465 -4.05 1.87 -13.82
N GLU A 466 -5.25 1.40 -13.50
CA GLU A 466 -5.34 0.20 -12.66
C GLU A 466 -4.73 -1.05 -13.29
N THR A 467 -4.79 -1.20 -14.62
CA THR A 467 -4.15 -2.34 -15.28
C THR A 467 -2.63 -2.32 -15.08
N VAL A 468 -2.00 -1.14 -15.24
CA VAL A 468 -0.57 -0.97 -15.05
C VAL A 468 -0.17 -1.34 -13.62
N ILE A 469 -0.89 -0.79 -12.64
CA ILE A 469 -0.59 -1.00 -11.23
C ILE A 469 -0.70 -2.47 -10.84
N ALA A 470 -1.69 -3.18 -11.37
CA ALA A 470 -1.81 -4.60 -11.08
C ALA A 470 -0.55 -5.34 -11.49
N ARG A 471 0.04 -4.92 -12.59
CA ARG A 471 1.26 -5.53 -13.02
C ARG A 471 2.40 -5.31 -12.04
N ALA A 472 2.57 -4.09 -11.53
CA ALA A 472 3.68 -3.87 -10.58
C ALA A 472 3.46 -4.65 -9.28
N MET A 473 2.26 -4.58 -8.70
CA MET A 473 1.97 -5.32 -7.48
C MET A 473 2.16 -6.81 -7.69
N SER A 474 1.90 -7.30 -8.89
CA SER A 474 2.06 -8.72 -9.14
C SER A 474 3.49 -9.19 -8.95
N GLN A 475 4.46 -8.28 -9.01
CA GLN A 475 5.87 -8.57 -8.79
C GLN A 475 6.32 -8.27 -7.36
N LEU A 476 5.40 -7.96 -6.46
CA LEU A 476 5.81 -7.71 -5.08
C LEU A 476 6.52 -8.95 -4.60
N GLY A 477 7.68 -8.71 -3.98
CA GLY A 477 8.54 -9.77 -3.51
C GLY A 477 9.66 -10.18 -4.42
N VAL A 478 9.63 -9.81 -5.71
CA VAL A 478 10.72 -10.24 -6.60
C VAL A 478 12.02 -9.58 -6.18
N GLN A 479 13.04 -10.38 -6.17
CA GLN A 479 14.35 -9.95 -5.79
C GLN A 479 14.92 -8.96 -6.81
N TYR A 480 15.79 -8.09 -6.32
CA TYR A 480 16.52 -7.15 -7.16
C TYR A 480 17.61 -7.84 -7.96
N ALA A 481 17.76 -7.41 -9.19
CA ALA A 481 18.83 -7.88 -10.07
C ALA A 481 19.20 -6.66 -10.91
N TRP A 482 20.41 -6.15 -10.77
CA TRP A 482 20.77 -4.96 -11.55
C TRP A 482 20.51 -5.08 -13.05
N GLY A 483 19.76 -4.13 -13.58
CA GLY A 483 19.39 -4.23 -14.98
C GLY A 483 18.30 -5.22 -15.31
N GLY A 484 17.77 -5.96 -14.34
CA GLY A 484 16.76 -6.95 -14.67
C GLY A 484 15.41 -6.37 -14.99
N GLY A 485 14.73 -7.04 -15.88
CA GLY A 485 13.36 -6.73 -16.24
C GLY A 485 13.20 -6.20 -17.65
N ASN A 486 12.09 -6.59 -18.27
CA ASN A 486 11.60 -6.18 -19.57
C ASN A 486 10.06 -6.18 -19.57
N ALA A 487 9.48 -5.92 -20.75
CA ALA A 487 8.03 -5.87 -20.89
C ALA A 487 7.34 -7.17 -20.51
N ASN A 488 8.04 -8.31 -20.55
CA ASN A 488 7.47 -9.61 -20.24
C ASN A 488 7.68 -10.05 -18.79
N GLY A 489 8.58 -9.40 -18.06
CA GLY A 489 8.80 -9.76 -16.69
C GLY A 489 10.21 -9.54 -16.21
N PRO A 490 10.60 -10.21 -15.13
CA PRO A 490 11.95 -10.07 -14.61
C PRO A 490 12.96 -10.73 -15.51
N THR A 491 14.20 -10.25 -15.42
CA THR A 491 15.25 -10.86 -16.20
C THR A 491 16.49 -10.96 -15.34
N LEU A 492 17.45 -11.72 -15.85
CA LEU A 492 18.77 -11.82 -15.28
C LEU A 492 19.50 -10.46 -15.29
N GLY A 493 20.24 -10.21 -14.21
CA GLY A 493 21.07 -9.02 -14.09
C GLY A 493 22.30 -9.01 -14.98
N ILE A 494 23.12 -7.98 -14.82
CA ILE A 494 24.38 -7.87 -15.57
C ILE A 494 25.48 -8.87 -15.07
N VAL A 509 16.63 -14.21 -10.63
CA VAL A 509 16.33 -13.16 -11.64
C VAL A 509 15.51 -12.15 -11.02
N GLY A 510 15.53 -10.92 -11.51
CA GLY A 510 14.78 -9.88 -10.85
C GLY A 510 14.50 -8.61 -11.62
N PHE A 511 14.27 -7.54 -10.85
CA PHE A 511 14.01 -6.21 -11.38
C PHE A 511 14.89 -5.22 -10.62
N ASP A 512 15.32 -4.19 -11.34
CA ASP A 512 15.88 -2.98 -10.77
C ASP A 512 14.84 -1.88 -10.99
N CYS A 513 15.06 -0.73 -10.34
CA CYS A 513 13.99 0.27 -10.18
C CYS A 513 13.36 0.68 -11.51
N SER A 514 14.19 1.11 -12.46
CA SER A 514 13.66 1.56 -13.75
C SER A 514 13.21 0.40 -14.60
N GLY A 515 13.69 -0.80 -14.28
CA GLY A 515 13.21 -1.98 -14.95
C GLY A 515 11.79 -2.33 -14.62
N LEU A 516 11.40 -2.16 -13.35
CA LEU A 516 10.04 -2.47 -12.97
C LEU A 516 9.04 -1.54 -13.66
N THR A 517 9.32 -0.22 -13.71
CA THR A 517 8.38 0.71 -14.36
C THR A 517 8.26 0.38 -15.84
N LEU A 518 9.36 -0.01 -16.46
CA LEU A 518 9.34 -0.42 -17.86
C LEU A 518 8.37 -1.58 -18.05
N TYR A 519 8.42 -2.55 -17.13
CA TYR A 519 7.55 -3.71 -17.15
C TYR A 519 6.08 -3.36 -16.99
N ALA A 520 5.76 -2.54 -16.01
CA ALA A 520 4.36 -2.23 -15.73
C ALA A 520 3.64 -1.53 -16.87
N PHE A 521 4.24 -0.47 -17.41
CA PHE A 521 3.55 0.29 -18.44
C PHE A 521 3.44 -0.41 -19.80
N ALA A 522 4.25 -1.42 -20.09
CA ALA A 522 4.07 -2.21 -21.32
C ALA A 522 2.72 -2.93 -21.37
N GLY A 523 2.12 -3.18 -20.20
CA GLY A 523 0.80 -3.79 -20.08
C GLY A 523 -0.30 -2.99 -20.75
N VAL A 524 -0.10 -1.67 -20.92
CA VAL A 524 -0.99 -0.76 -21.62
C VAL A 524 -0.24 -0.20 -22.85
N GLY A 525 0.72 -0.96 -23.37
CA GLY A 525 1.44 -0.57 -24.58
C GLY A 525 2.34 0.64 -24.50
N ILE A 526 2.77 1.04 -23.31
CA ILE A 526 3.67 2.18 -23.13
C ILE A 526 5.12 1.69 -23.04
N SER A 527 5.90 1.88 -24.12
CA SER A 527 7.29 1.40 -24.20
C SER A 527 8.23 2.40 -23.55
N LEU A 528 8.91 2.00 -22.45
CA LEU A 528 9.84 2.89 -21.76
C LEU A 528 11.31 2.45 -21.87
N PRO A 529 12.26 3.38 -21.92
CA PRO A 529 13.66 2.99 -21.88
C PRO A 529 14.05 2.49 -20.51
N HIS A 530 15.09 1.67 -20.47
CA HIS A 530 15.54 1.04 -19.22
C HIS A 530 16.57 1.97 -18.60
N TYR A 531 16.13 3.20 -18.42
CA TYR A 531 16.88 4.24 -17.73
C TYR A 531 16.00 5.36 -17.24
N THR A 532 16.10 5.63 -15.94
CA THR A 532 15.31 6.65 -15.26
C THR A 532 15.40 8.03 -15.91
N GLY A 533 16.63 8.46 -16.26
CA GLY A 533 16.84 9.78 -16.85
C GLY A 533 16.08 9.96 -18.13
N TYR A 534 15.92 8.88 -18.90
CA TYR A 534 15.16 8.89 -20.15
C TYR A 534 13.66 8.70 -19.87
N GLN A 535 13.29 7.89 -18.88
CA GLN A 535 11.87 7.78 -18.55
C GLN A 535 11.31 9.13 -18.17
N TYR A 536 12.11 9.98 -17.53
CA TYR A 536 11.71 11.33 -17.13
C TYR A 536 11.31 12.24 -18.30
N GLN A 537 11.73 11.91 -19.52
CA GLN A 537 11.44 12.69 -20.72
C GLN A 537 10.13 12.32 -21.39
N HIS A 538 9.47 11.26 -20.96
CA HIS A 538 8.21 10.83 -21.54
C HIS A 538 7.10 11.51 -20.78
N GLY A 539 5.90 11.47 -21.36
CA GLY A 539 4.77 12.01 -20.65
C GLY A 539 4.78 13.50 -20.33
N THR A 540 4.03 13.84 -19.28
CA THR A 540 3.85 15.21 -18.85
C THR A 540 4.46 15.46 -17.47
N LYS A 541 5.23 16.56 -17.34
CA LYS A 541 5.87 16.97 -16.08
C LYS A 541 4.97 17.76 -15.13
N VAL A 542 4.32 17.05 -14.25
CA VAL A 542 3.38 17.60 -13.28
C VAL A 542 4.19 18.04 -12.06
N SER A 543 3.72 19.08 -11.38
CA SER A 543 4.37 19.53 -10.15
C SER A 543 4.27 18.39 -9.13
N PRO A 544 5.32 18.13 -8.33
CA PRO A 544 5.23 17.05 -7.35
C PRO A 544 4.06 17.13 -6.38
N SER A 545 3.60 18.32 -6.03
CA SER A 545 2.47 18.47 -5.12
C SER A 545 1.11 17.98 -5.67
N GLU A 546 0.96 17.80 -6.98
CA GLU A 546 -0.29 17.33 -7.57
C GLU A 546 -0.22 15.89 -8.05
N MET A 547 0.78 15.15 -7.59
CA MET A 547 0.91 13.77 -8.04
C MET A 547 -0.33 12.97 -7.67
N GLN A 548 -0.62 11.98 -8.52
CA GLN A 548 -1.75 11.07 -8.29
C GLN A 548 -1.40 9.70 -8.84
N ARG A 549 -2.14 8.70 -8.36
CA ARG A 549 -1.95 7.29 -8.67
C ARG A 549 -1.61 7.07 -10.15
N GLY A 550 -0.52 6.36 -10.43
CA GLY A 550 -0.10 6.16 -11.80
C GLY A 550 1.08 7.03 -12.22
N ASP A 551 1.33 8.11 -11.50
CA ASP A 551 2.42 9.00 -11.83
C ASP A 551 3.77 8.36 -11.54
N LEU A 552 4.79 8.80 -12.26
CA LEU A 552 6.13 8.32 -11.96
C LEU A 552 6.76 9.39 -11.08
N ILE A 553 7.31 8.95 -9.95
CA ILE A 553 8.02 9.81 -9.02
C ILE A 553 9.49 9.56 -9.29
N PHE A 554 10.25 10.62 -9.51
CA PHE A 554 11.67 10.43 -9.75
C PHE A 554 12.50 11.03 -8.64
N TYR A 555 13.70 10.49 -8.52
CA TYR A 555 14.64 10.95 -7.54
C TYR A 555 15.98 11.17 -8.17
N GLY A 556 16.75 12.08 -7.58
CA GLY A 556 18.08 12.35 -8.06
C GLY A 556 18.02 13.45 -9.11
N PRO A 557 19.14 14.09 -9.37
CA PRO A 557 19.16 15.17 -10.37
C PRO A 557 18.78 14.66 -11.76
N GLY A 558 17.79 15.29 -12.37
CA GLY A 558 17.32 14.78 -13.64
C GLY A 558 16.95 13.32 -13.71
N ALA A 559 16.43 12.81 -12.60
CA ALA A 559 16.00 11.42 -12.50
C ALA A 559 17.17 10.47 -12.72
N SER A 560 18.38 10.86 -12.34
CA SER A 560 19.53 10.00 -12.58
C SER A 560 19.67 8.85 -11.57
N GLN A 561 18.97 8.88 -10.44
CA GLN A 561 19.23 7.90 -9.38
C GLN A 561 18.19 6.82 -9.15
N HIS A 562 16.89 7.11 -9.17
CA HIS A 562 15.88 6.11 -8.80
C HIS A 562 14.52 6.50 -9.36
N VAL A 563 13.65 5.49 -9.51
CA VAL A 563 12.29 5.71 -9.96
C VAL A 563 11.30 4.81 -9.23
N ALA A 564 10.09 5.34 -9.05
CA ALA A 564 9.01 4.63 -8.42
C ALA A 564 7.69 5.11 -9.04
N ILE A 565 6.64 4.32 -8.82
CA ILE A 565 5.28 4.62 -9.27
C ILE A 565 4.48 5.11 -8.08
N TYR A 566 3.84 6.27 -8.19
CA TYR A 566 3.00 6.71 -7.08
C TYR A 566 1.78 5.83 -7.06
N LEU A 567 1.44 5.32 -5.90
CA LEU A 567 0.30 4.45 -5.81
C LEU A 567 -0.95 5.19 -5.32
N GLY A 568 -0.81 6.45 -4.90
CA GLY A 568 -1.89 7.18 -4.29
C GLY A 568 -1.94 6.97 -2.79
N ASP A 569 -2.66 7.85 -2.14
CA ASP A 569 -2.82 7.81 -0.68
C ASP A 569 -1.46 7.79 0.04
N GLY A 570 -0.49 8.55 -0.49
CA GLY A 570 0.84 8.76 0.07
C GLY A 570 1.78 7.56 0.19
N GLN A 571 1.53 6.47 -0.54
CA GLN A 571 2.36 5.28 -0.58
C GLN A 571 2.75 5.07 -2.03
N MET A 572 3.89 4.45 -2.29
CA MET A 572 4.33 4.15 -3.66
C MET A 572 4.96 2.77 -3.74
N ILE A 573 4.94 2.17 -4.96
CA ILE A 573 5.54 0.87 -5.23
C ILE A 573 6.86 1.06 -6.00
N GLU A 574 7.89 0.32 -5.64
CA GLU A 574 9.20 0.52 -6.23
C GLU A 574 10.05 -0.74 -6.06
N ALA A 575 11.14 -0.84 -6.84
CA ALA A 575 12.20 -1.84 -6.69
C ALA A 575 13.45 -1.03 -6.35
N PRO A 576 13.71 -0.82 -5.07
CA PRO A 576 14.66 0.25 -4.66
C PRO A 576 16.16 0.19 -4.67
N ASN A 577 16.75 -0.86 -4.15
CA ASN A 577 18.20 -0.86 -4.03
C ASN A 577 18.61 -2.29 -3.85
N SER A 578 19.90 -2.56 -4.00
CA SER A 578 20.33 -3.93 -3.81
C SER A 578 19.95 -4.39 -2.41
N GLY A 579 19.45 -5.63 -2.32
CA GLY A 579 18.97 -6.24 -1.10
C GLY A 579 17.52 -6.02 -0.71
N SER A 580 16.76 -5.21 -1.42
CA SER A 580 15.38 -4.99 -1.08
C SER A 580 14.52 -5.60 -2.16
N VAL A 581 13.47 -6.33 -1.78
CA VAL A 581 12.59 -6.96 -2.79
C VAL A 581 11.67 -5.86 -3.29
N VAL A 582 10.92 -6.16 -4.37
CA VAL A 582 9.92 -5.21 -4.82
C VAL A 582 8.95 -5.05 -3.69
N LYS A 583 8.74 -3.81 -3.30
CA LYS A 583 7.99 -3.56 -2.10
C LYS A 583 7.25 -2.24 -2.23
N ILE A 584 6.26 -2.09 -1.37
CA ILE A 584 5.52 -0.86 -1.24
C ILE A 584 6.13 -0.07 -0.11
N SER A 585 6.44 1.19 -0.35
CA SER A 585 7.02 2.02 0.69
C SER A 585 6.32 3.38 0.63
N PRO A 586 6.27 4.10 1.75
CA PRO A 586 5.79 5.49 1.70
C PRO A 586 6.68 6.35 0.84
N VAL A 587 6.04 7.36 0.22
CA VAL A 587 6.73 8.29 -0.67
C VAL A 587 7.81 9.03 0.08
N ARG A 588 8.98 9.10 -0.53
CA ARG A 588 10.10 9.83 0.04
C ARG A 588 10.28 11.20 -0.58
N TRP A 589 10.53 12.22 0.24
CA TRP A 589 10.68 13.59 -0.24
C TRP A 589 12.12 14.01 -0.35
N SER A 590 13.01 13.39 0.40
CA SER A 590 14.43 13.71 0.23
C SER A 590 14.88 13.22 -1.15
N GLY A 591 15.67 14.02 -1.83
CA GLY A 591 16.25 13.65 -3.10
C GLY A 591 15.29 13.59 -4.29
N MET A 592 14.01 13.98 -4.10
CA MET A 592 13.04 13.95 -5.20
C MET A 592 13.39 14.95 -6.31
N THR A 593 13.08 14.56 -7.55
CA THR A 593 13.26 15.49 -8.66
C THR A 593 12.23 16.62 -8.54
N GLU A 594 12.41 17.66 -9.36
CA GLU A 594 11.48 18.77 -9.27
C GLU A 594 10.05 18.47 -9.76
N SER A 595 9.87 17.49 -10.65
CA SER A 595 8.56 17.17 -11.18
C SER A 595 8.32 15.66 -11.17
N VAL A 596 7.06 15.26 -11.17
CA VAL A 596 6.70 13.88 -11.48
C VAL A 596 6.25 13.81 -12.92
N VAL A 597 6.19 12.59 -13.47
CA VAL A 597 5.77 12.34 -14.84
C VAL A 597 4.49 11.48 -14.83
N ARG A 598 3.46 11.92 -15.55
CA ARG A 598 2.19 11.19 -15.65
C ARG A 598 2.08 10.58 -17.03
N LEU A 599 2.05 9.26 -17.13
CA LEU A 599 1.97 8.69 -18.48
C LEU A 599 0.57 8.41 -19.00
N ILE A 600 -0.46 8.23 -18.16
CA ILE A 600 -1.76 7.95 -18.77
C ILE A 600 -2.73 9.08 -18.49
N PRO B 24 24.86 9.51 54.90
CA PRO B 24 23.64 8.74 55.12
C PRO B 24 22.84 8.48 53.85
N ASP B 25 21.54 8.80 53.87
CA ASP B 25 20.77 8.67 52.64
C ASP B 25 21.22 9.71 51.63
N ASP B 26 21.72 10.83 52.13
CA ASP B 26 22.23 11.95 51.34
C ASP B 26 23.15 11.39 50.28
N ALA B 27 23.96 10.43 50.72
CA ALA B 27 24.93 9.82 49.83
C ALA B 27 24.24 9.01 48.75
N ALA B 28 23.26 8.19 49.12
CA ALA B 28 22.59 7.42 48.09
C ALA B 28 21.93 8.33 47.07
N ILE B 29 21.46 9.49 47.50
CA ILE B 29 20.91 10.44 46.54
C ILE B 29 22.00 10.99 45.63
N ALA B 30 23.16 11.30 46.17
CA ALA B 30 24.26 11.72 45.30
C ALA B 30 24.57 10.66 44.23
N GLN B 31 24.67 9.39 44.65
CA GLN B 31 25.08 8.29 43.76
C GLN B 31 23.98 7.94 42.78
N ALA B 32 22.74 8.06 43.19
CA ALA B 32 21.67 8.07 42.20
C ALA B 32 21.72 9.25 41.25
N GLU B 33 22.34 10.38 41.61
CA GLU B 33 22.34 11.46 40.62
C GLU B 33 23.48 11.38 39.59
N GLU B 34 24.63 10.77 39.92
CA GLU B 34 25.50 10.32 38.82
C GLU B 34 24.79 9.34 37.94
N ASN B 35 24.02 8.42 38.51
CA ASN B 35 23.21 7.60 37.62
C ASN B 35 22.35 8.45 36.68
N VAL B 36 21.63 9.44 37.22
CA VAL B 36 20.83 10.32 36.37
C VAL B 36 21.65 10.80 35.19
N SER B 37 22.75 11.49 35.48
CA SER B 37 23.43 12.18 34.39
C SER B 37 24.13 11.20 33.44
N ALA B 38 24.68 10.08 33.94
CA ALA B 38 25.33 9.13 33.05
C ALA B 38 24.33 8.48 32.10
N GLY B 39 23.12 8.16 32.59
CA GLY B 39 22.10 7.63 31.71
C GLY B 39 21.66 8.64 30.65
N ASP B 40 21.40 9.88 31.08
CA ASP B 40 21.02 10.91 30.11
C ASP B 40 22.10 11.04 29.03
N GLY B 41 23.38 11.01 29.44
CA GLY B 41 24.48 11.20 28.51
C GLY B 41 24.74 10.03 27.59
N GLU B 42 24.35 8.82 27.98
CA GLU B 42 24.44 7.74 27.02
C GLU B 42 23.26 7.73 26.05
N VAL B 43 22.10 8.27 26.44
CA VAL B 43 21.10 8.54 25.39
C VAL B 43 21.62 9.56 24.39
N ALA B 44 22.30 10.60 24.88
CA ALA B 44 22.92 11.56 23.96
C ALA B 44 23.90 10.86 23.01
N ARG B 45 24.77 10.00 23.55
CA ARG B 45 25.72 9.27 22.69
C ARG B 45 24.99 8.46 21.63
N LEU B 46 24.05 7.63 22.06
CA LEU B 46 23.36 6.78 21.10
C LEU B 46 22.62 7.61 20.06
N ALA B 47 21.83 8.59 20.48
CA ALA B 47 21.07 9.36 19.51
C ALA B 47 21.98 10.08 18.53
N GLY B 48 23.04 10.71 19.02
CA GLY B 48 23.96 11.42 18.16
C GLY B 48 24.61 10.53 17.13
N SER B 49 25.32 9.48 17.58
CA SER B 49 26.04 8.66 16.62
C SER B 49 25.10 7.80 15.79
N LEU B 50 23.93 7.43 16.32
CA LEU B 50 22.98 6.68 15.51
C LEU B 50 22.45 7.51 14.36
N SER B 51 21.83 8.65 14.64
CA SER B 51 21.27 9.39 13.51
C SER B 51 22.38 9.88 12.58
N SER B 52 23.62 10.09 13.09
CA SER B 52 24.66 10.51 12.15
C SER B 52 25.16 9.34 11.29
N THR B 53 25.29 8.12 11.83
CA THR B 53 25.62 7.04 10.90
C THR B 53 24.44 6.66 10.03
N ASP B 54 23.22 6.98 10.41
CA ASP B 54 22.13 6.74 9.46
C ASP B 54 22.10 7.77 8.34
N ALA B 55 22.50 9.00 8.64
CA ALA B 55 22.73 9.97 7.58
C ALA B 55 23.83 9.48 6.65
N GLU B 56 24.91 8.94 7.21
CA GLU B 56 25.99 8.43 6.36
C GLU B 56 25.51 7.24 5.51
N ILE B 57 24.78 6.28 6.10
CA ILE B 57 24.19 5.19 5.33
C ILE B 57 23.36 5.70 4.16
N ASN B 58 22.57 6.72 4.40
CA ASN B 58 21.69 7.14 3.31
C ASN B 58 22.46 7.84 2.18
N ARG B 59 23.52 8.59 2.52
CA ARG B 59 24.44 9.13 1.51
C ARG B 59 24.99 8.05 0.60
N VAL B 60 25.60 7.04 1.23
CA VAL B 60 26.27 5.99 0.50
C VAL B 60 25.25 5.26 -0.36
N GLU B 61 24.02 5.20 0.11
CA GLU B 61 23.01 4.57 -0.71
C GLU B 61 22.66 5.42 -1.94
N LEU B 62 22.59 6.76 -1.81
CA LEU B 62 22.26 7.52 -3.02
C LEU B 62 23.35 7.36 -4.06
N GLU B 63 24.59 7.31 -3.64
CA GLU B 63 25.65 7.10 -4.62
C GLU B 63 25.55 5.72 -5.26
N MET B 64 25.29 4.69 -4.45
CA MET B 64 25.07 3.35 -5.00
C MET B 64 24.03 3.42 -6.14
N GLY B 65 22.91 4.09 -5.87
CA GLY B 65 21.90 4.23 -6.90
C GLY B 65 22.40 4.95 -8.13
N ALA B 66 23.12 6.04 -7.92
CA ALA B 66 23.56 6.84 -9.06
C ALA B 66 24.37 5.99 -10.04
N LEU B 67 25.29 5.19 -9.52
CA LEU B 67 26.14 4.39 -10.40
C LEU B 67 25.35 3.28 -11.11
N ARG B 68 24.51 2.54 -10.36
CA ARG B 68 23.84 1.42 -11.02
C ARG B 68 23.00 1.98 -12.19
N GLU B 69 22.30 3.10 -11.94
CA GLU B 69 21.48 3.68 -13.01
C GLU B 69 22.30 4.24 -14.16
N GLU B 70 23.48 4.80 -13.89
CA GLU B 70 24.37 5.23 -14.97
C GLU B 70 24.62 4.11 -15.98
N VAL B 71 24.95 2.92 -15.47
CA VAL B 71 25.17 1.80 -16.38
C VAL B 71 23.91 1.51 -17.18
N ASN B 72 22.76 1.46 -16.49
CA ASN B 72 21.51 1.22 -17.20
C ASN B 72 21.38 2.17 -18.40
N LYS B 73 21.73 3.45 -18.17
CA LYS B 73 21.67 4.49 -19.19
C LYS B 73 22.54 4.14 -20.39
N SER B 74 23.81 3.83 -20.14
CA SER B 74 24.57 3.65 -21.35
C SER B 74 24.37 2.28 -22.00
N LEU B 75 23.78 1.30 -21.32
CA LEU B 75 23.27 0.12 -22.01
C LEU B 75 22.22 0.53 -23.03
N VAL B 76 21.30 1.39 -22.63
CA VAL B 76 20.31 1.85 -23.61
C VAL B 76 21.00 2.57 -24.76
N ASP B 77 21.90 3.50 -24.42
CA ASP B 77 22.59 4.24 -25.47
C ASP B 77 23.25 3.26 -26.44
N LEU B 78 23.91 2.25 -25.89
CA LEU B 78 24.65 1.29 -26.69
C LEU B 78 23.74 0.50 -27.59
N HIS B 79 22.69 -0.10 -27.02
CA HIS B 79 21.80 -0.92 -27.83
C HIS B 79 21.14 -0.13 -28.95
N ASP B 80 20.92 1.16 -28.69
CA ASP B 80 20.35 1.98 -29.73
C ASP B 80 21.43 2.40 -30.75
N ALA B 81 22.67 2.62 -30.34
CA ALA B 81 23.71 2.83 -31.33
C ALA B 81 23.82 1.60 -32.23
N GLN B 82 23.73 0.42 -31.63
CA GLN B 82 23.79 -0.81 -32.39
C GLN B 82 22.68 -0.85 -33.41
N ALA B 83 21.48 -0.44 -33.02
CA ALA B 83 20.41 -0.44 -34.01
C ALA B 83 20.64 0.60 -35.11
N ILE B 84 21.18 1.76 -34.76
CA ILE B 84 21.46 2.80 -35.76
C ILE B 84 22.36 2.23 -36.85
N ALA B 85 23.45 1.59 -36.43
CA ALA B 85 24.35 0.98 -37.37
C ALA B 85 23.63 -0.07 -38.20
N GLU B 86 22.83 -0.94 -37.56
CA GLU B 86 22.17 -1.98 -38.33
C GLU B 86 21.25 -1.41 -39.40
N GLN B 87 20.58 -0.30 -39.12
CA GLN B 87 19.76 0.18 -40.22
C GLN B 87 20.55 0.91 -41.28
N ALA B 88 21.59 1.66 -40.92
CA ALA B 88 22.42 2.22 -41.99
C ALA B 88 22.98 1.10 -42.88
N ARG B 89 23.30 -0.04 -42.27
CA ARG B 89 23.77 -1.21 -43.00
C ARG B 89 22.68 -1.79 -43.93
N GLN B 90 21.46 -1.96 -43.42
CA GLN B 90 20.41 -2.51 -44.27
C GLN B 90 20.09 -1.53 -45.41
N ASP B 91 20.35 -0.25 -45.20
CA ASP B 91 20.27 0.70 -46.30
C ASP B 91 21.36 0.45 -47.35
N ALA B 92 22.60 0.19 -46.90
CA ALA B 92 23.64 -0.15 -47.88
C ALA B 92 23.18 -1.30 -48.76
N LEU B 93 22.64 -2.36 -48.14
CA LEU B 93 22.17 -3.46 -48.99
C LEU B 93 21.06 -3.00 -49.93
N ALA B 94 20.11 -2.18 -49.45
CA ALA B 94 19.05 -1.69 -50.36
C ALA B 94 19.66 -0.94 -51.53
N ALA B 95 20.75 -0.23 -51.28
CA ALA B 95 21.41 0.50 -52.36
C ALA B 95 21.96 -0.46 -53.41
N LYS B 96 22.67 -1.52 -52.97
CA LYS B 96 23.21 -2.51 -53.92
C LYS B 96 22.09 -3.23 -54.67
N LYS B 97 20.97 -3.46 -54.00
CA LYS B 97 19.81 -3.99 -54.71
C LYS B 97 19.42 -3.05 -55.83
N ASP B 98 19.40 -1.74 -55.56
CA ASP B 98 19.15 -0.83 -56.68
C ASP B 98 20.27 -0.80 -57.70
N LEU B 99 21.51 -1.00 -57.28
CA LEU B 99 22.55 -0.93 -58.28
C LEU B 99 22.42 -2.09 -59.24
N ASP B 100 22.11 -3.28 -58.73
CA ASP B 100 21.87 -4.42 -59.60
C ASP B 100 20.60 -4.26 -60.40
N ASP B 101 19.58 -3.65 -59.81
CA ASP B 101 18.39 -3.37 -60.59
C ASP B 101 18.75 -2.53 -61.80
N SER B 102 19.49 -1.45 -61.57
CA SER B 102 19.88 -0.59 -62.69
C SER B 102 20.79 -1.33 -63.65
N GLN B 103 21.72 -2.14 -63.13
CA GLN B 103 22.58 -2.94 -63.98
C GLN B 103 21.77 -3.80 -64.94
N ALA B 104 20.85 -4.61 -64.42
CA ALA B 104 20.17 -5.53 -65.31
C ALA B 104 19.17 -4.82 -66.21
N GLN B 105 18.67 -3.65 -65.79
CA GLN B 105 17.86 -2.85 -66.69
C GLN B 105 18.69 -2.33 -67.86
N ILE B 106 19.90 -1.82 -67.58
CA ILE B 106 20.77 -1.35 -68.65
C ILE B 106 21.09 -2.49 -69.61
N GLU B 107 21.32 -3.69 -69.08
CA GLU B 107 21.69 -4.82 -69.93
C GLU B 107 20.52 -5.28 -70.79
N ALA B 108 19.30 -5.24 -70.26
CA ALA B 108 18.15 -5.55 -71.09
C ALA B 108 17.93 -4.50 -72.17
N ALA B 109 18.14 -3.22 -71.85
CA ALA B 109 17.96 -2.19 -72.89
C ALA B 109 19.01 -2.32 -73.99
N GLN B 110 20.24 -2.64 -73.60
CA GLN B 110 21.32 -2.90 -74.54
C GLN B 110 20.97 -4.07 -75.47
N GLU B 111 20.37 -5.15 -74.93
CA GLU B 111 20.00 -6.25 -75.82
C GLU B 111 18.78 -5.95 -76.69
N ARG B 112 17.92 -5.03 -76.25
CA ARG B 112 16.88 -4.56 -77.16
C ARG B 112 17.49 -3.86 -78.36
N LEU B 113 18.47 -2.98 -78.12
CA LEU B 113 19.14 -2.36 -79.25
C LEU B 113 19.79 -3.41 -80.15
N ASP B 114 20.43 -4.40 -79.54
CA ASP B 114 21.05 -5.49 -80.30
C ASP B 114 20.08 -6.18 -81.27
N GLU B 115 18.96 -6.68 -80.76
CA GLU B 115 18.10 -7.44 -81.66
C GLU B 115 17.30 -6.56 -82.60
N ILE B 116 17.00 -5.33 -82.20
CA ILE B 116 16.31 -4.43 -83.12
C ILE B 116 17.19 -4.16 -84.34
N SER B 117 18.47 -3.87 -84.11
CA SER B 117 19.36 -3.66 -85.24
C SER B 117 19.65 -4.94 -85.99
N ARG B 118 19.74 -6.10 -85.32
CA ARG B 118 20.04 -7.32 -86.06
C ARG B 118 18.91 -7.65 -87.02
N ALA B 119 17.68 -7.35 -86.61
CA ALA B 119 16.59 -7.34 -87.58
C ALA B 119 16.85 -6.32 -88.68
N ALA B 120 17.43 -5.16 -88.31
CA ALA B 120 17.68 -4.11 -89.31
C ALA B 120 18.60 -4.59 -90.43
N TYR B 121 19.78 -5.10 -90.08
CA TYR B 121 20.69 -5.58 -91.13
C TYR B 121 20.01 -6.72 -91.87
N ARG B 122 19.24 -7.55 -91.16
CA ARG B 122 18.58 -8.64 -91.84
C ARG B 122 17.57 -8.16 -92.88
N GLN B 123 16.92 -7.03 -92.65
CA GLN B 123 15.93 -6.51 -93.58
C GLN B 123 16.55 -5.77 -94.76
N ASN B 124 17.87 -5.85 -94.95
CA ASN B 124 18.48 -5.28 -96.15
C ASN B 124 18.89 -6.34 -97.17
N GLY B 125 18.07 -7.37 -97.36
CA GLY B 125 18.26 -8.35 -98.43
C GLY B 125 16.99 -8.61 -99.24
N ASN B 138 7.60 -3.14 -106.61
CA ASN B 138 7.94 -2.07 -107.53
C ASN B 138 7.32 -0.78 -107.01
N SER B 139 6.04 -0.57 -107.37
CA SER B 139 5.25 0.52 -106.79
C SER B 139 4.85 0.19 -105.36
N GLU B 140 4.39 -1.03 -105.10
CA GLU B 140 3.88 -1.46 -103.79
C GLU B 140 4.75 -2.54 -103.13
N ASP B 141 5.94 -2.81 -103.68
CA ASP B 141 6.89 -3.78 -103.13
C ASP B 141 8.25 -3.17 -102.84
N ALA B 142 8.78 -2.32 -103.73
CA ALA B 142 10.00 -1.57 -103.41
C ALA B 142 9.71 -0.46 -102.40
N LEU B 143 8.53 0.18 -102.50
CA LEU B 143 8.11 1.23 -101.58
C LEU B 143 7.38 0.70 -100.35
N ASP B 144 6.92 -0.56 -100.38
CA ASP B 144 6.28 -1.17 -99.20
C ASP B 144 7.29 -1.40 -98.08
N ARG B 145 8.53 -1.72 -98.43
CA ARG B 145 9.64 -1.87 -97.48
C ARG B 145 9.76 -0.68 -96.52
N GLN B 146 9.22 0.47 -96.92
CA GLN B 146 9.45 1.72 -96.23
C GLN B 146 8.68 1.84 -94.91
N THR B 147 7.46 1.28 -94.81
CA THR B 147 6.75 1.30 -93.52
C THR B 147 7.54 0.59 -92.42
N TYR B 148 8.06 -0.61 -92.73
CA TYR B 148 8.80 -1.39 -91.73
C TYR B 148 10.13 -0.73 -91.40
N LEU B 149 10.84 -0.21 -92.40
CA LEU B 149 12.09 0.52 -92.12
C LEU B 149 11.83 1.78 -91.29
N ARG B 150 10.78 2.53 -91.62
CA ARG B 150 10.42 3.76 -90.90
C ARG B 150 10.15 3.50 -89.42
N THR B 151 9.22 2.57 -89.13
CA THR B 151 8.80 2.35 -87.74
C THR B 151 9.90 1.67 -86.91
N SER B 152 10.70 0.78 -87.51
CA SER B 152 11.80 0.24 -86.72
C SER B 152 12.97 1.22 -86.53
N ALA B 153 13.23 2.17 -87.45
CA ALA B 153 14.23 3.21 -87.17
C ALA B 153 13.78 4.11 -86.01
N GLU B 154 12.48 4.47 -85.98
CA GLU B 154 11.97 5.25 -84.85
C GLU B 154 12.03 4.45 -83.54
N LYS B 155 11.78 3.14 -83.62
CA LYS B 155 11.98 2.27 -82.45
C LYS B 155 13.44 2.26 -81.98
N GLN B 156 14.40 2.23 -82.93
CA GLN B 156 15.83 2.22 -82.59
C GLN B 156 16.20 3.49 -81.81
N GLN B 157 15.63 4.63 -82.20
CA GLN B 157 15.86 5.86 -81.42
C GLN B 157 15.15 5.84 -80.06
N ALA B 158 13.95 5.25 -79.98
CA ALA B 158 13.28 5.08 -78.69
C ALA B 158 14.19 4.36 -77.71
N ALA B 159 14.77 3.24 -78.15
CA ALA B 159 15.68 2.48 -77.30
C ALA B 159 16.94 3.27 -76.95
N VAL B 160 17.47 4.07 -77.89
CA VAL B 160 18.69 4.84 -77.62
C VAL B 160 18.47 5.87 -76.52
N GLU B 161 17.35 6.62 -76.60
CA GLU B 161 17.10 7.62 -75.55
C GLU B 161 16.77 6.97 -74.20
N GLU B 162 16.10 5.81 -74.23
CA GLU B 162 15.92 5.05 -72.99
C GLU B 162 17.25 4.63 -72.37
N LEU B 163 18.21 4.19 -73.19
CA LEU B 163 19.52 3.85 -72.63
C LEU B 163 20.24 5.07 -72.07
N ASP B 164 20.11 6.23 -72.73
CA ASP B 164 20.66 7.45 -72.14
C ASP B 164 20.10 7.66 -70.73
N ARG B 165 18.78 7.46 -70.57
CA ARG B 165 18.14 7.48 -69.26
C ARG B 165 18.83 6.53 -68.27
N LEU B 166 18.82 5.22 -68.59
CA LEU B 166 19.33 4.22 -67.65
C LEU B 166 20.78 4.47 -67.30
N ARG B 167 21.55 5.04 -68.23
CA ARG B 167 22.92 5.40 -67.95
C ARG B 167 22.98 6.43 -66.83
N THR B 168 22.23 7.53 -66.96
CA THR B 168 22.31 8.57 -65.94
C THR B 168 21.75 8.10 -64.59
N GLU B 169 20.73 7.25 -64.62
CA GLU B 169 20.21 6.64 -63.40
C GLU B 169 21.23 5.73 -62.73
N ASN B 170 21.96 4.93 -63.51
CA ASN B 170 22.98 4.06 -62.95
C ASN B 170 24.10 4.86 -62.29
N ALA B 171 24.50 5.98 -62.89
CA ALA B 171 25.51 6.81 -62.24
C ALA B 171 25.01 7.33 -60.90
N ASN B 172 23.74 7.74 -60.85
CA ASN B 172 23.16 8.20 -59.60
C ASN B 172 23.14 7.11 -58.53
N LYS B 173 22.68 5.91 -58.92
CA LYS B 173 22.64 4.81 -57.97
C LYS B 173 24.03 4.42 -57.51
N GLU B 174 25.03 4.58 -58.37
CA GLU B 174 26.40 4.31 -57.95
C GLU B 174 26.85 5.29 -56.87
N SER B 175 26.51 6.56 -57.02
CA SER B 175 26.85 7.53 -55.97
C SER B 175 26.09 7.25 -54.67
N VAL B 176 24.83 6.81 -54.77
CA VAL B 176 24.04 6.46 -53.58
C VAL B 176 24.70 5.32 -52.81
N LEU B 177 25.20 4.29 -53.50
CA LEU B 177 25.96 3.23 -52.79
C LEU B 177 27.23 3.75 -52.14
N ARG B 178 27.97 4.62 -52.83
CA ARG B 178 29.14 5.15 -52.14
C ARG B 178 28.76 5.74 -50.80
N GLN B 179 27.71 6.58 -50.76
CA GLN B 179 27.39 7.23 -49.49
C GLN B 179 26.66 6.32 -48.49
N ALA B 180 25.79 5.43 -48.93
CA ALA B 180 25.17 4.54 -47.97
C ALA B 180 26.20 3.63 -47.32
N ARG B 181 27.19 3.16 -48.10
CA ARG B 181 28.27 2.36 -47.51
C ARG B 181 29.07 3.20 -46.53
N ILE B 182 29.40 4.45 -46.88
CA ILE B 182 30.23 5.23 -45.97
C ILE B 182 29.50 5.46 -44.67
N VAL B 183 28.18 5.70 -44.73
CA VAL B 183 27.44 5.94 -43.49
C VAL B 183 27.31 4.67 -42.66
N ALA B 184 27.08 3.51 -43.30
CA ALA B 184 26.98 2.29 -42.52
C ALA B 184 28.29 1.92 -41.84
N GLU B 185 29.42 2.09 -42.55
CA GLU B 185 30.73 1.89 -41.93
C GLU B 185 30.94 2.87 -40.77
N GLN B 186 30.55 4.13 -40.97
CA GLN B 186 30.71 5.12 -39.90
C GLN B 186 29.96 4.71 -38.66
N ARG B 187 28.67 4.45 -38.78
CA ARG B 187 27.92 4.26 -37.56
C ARG B 187 28.07 2.84 -37.01
N GLU B 188 28.57 1.92 -37.84
CA GLU B 188 29.10 0.66 -37.31
C GLU B 188 30.25 0.95 -36.38
N ALA B 189 31.16 1.84 -36.79
CA ALA B 189 32.29 2.22 -35.94
C ALA B 189 31.82 2.92 -34.67
N GLU B 190 30.85 3.82 -34.79
CA GLU B 190 30.32 4.50 -33.59
C GLU B 190 29.80 3.50 -32.58
N ALA B 191 29.08 2.48 -33.05
CA ALA B 191 28.54 1.49 -32.14
C ALA B 191 29.63 0.61 -31.54
N VAL B 192 30.66 0.30 -32.31
CA VAL B 192 31.82 -0.39 -31.73
C VAL B 192 32.37 0.42 -30.56
N GLU B 193 32.54 1.73 -30.78
CA GLU B 193 33.09 2.59 -29.74
C GLU B 193 32.24 2.49 -28.50
N LYS B 194 30.93 2.71 -28.63
CA LYS B 194 30.12 2.71 -27.43
C LYS B 194 30.03 1.33 -26.78
N GLN B 195 30.26 0.25 -27.55
CA GLN B 195 30.30 -1.07 -26.92
C GLN B 195 31.48 -1.17 -25.96
N VAL B 196 32.66 -0.83 -26.45
CA VAL B 196 33.82 -0.92 -25.57
C VAL B 196 33.66 0.06 -24.41
N GLN B 197 33.12 1.24 -24.71
CA GLN B 197 32.85 2.24 -23.68
C GLN B 197 32.03 1.66 -22.53
N THR B 198 30.92 0.99 -22.83
CA THR B 198 30.14 0.56 -21.69
C THR B 198 30.68 -0.72 -21.04
N GLU B 199 31.32 -1.63 -21.75
CA GLU B 199 31.94 -2.73 -20.99
C GLU B 199 32.92 -2.17 -19.97
N ALA B 200 33.64 -1.11 -20.33
CA ALA B 200 34.58 -0.54 -19.37
C ALA B 200 33.85 0.27 -18.29
N ALA B 201 32.81 1.03 -18.67
CA ALA B 201 32.03 1.76 -17.67
C ALA B 201 31.42 0.80 -16.67
N ILE B 202 30.91 -0.34 -17.12
CA ILE B 202 30.40 -1.38 -16.25
C ILE B 202 31.46 -1.86 -15.28
N ALA B 203 32.63 -2.23 -15.78
CA ALA B 203 33.64 -2.72 -14.85
C ALA B 203 33.95 -1.67 -13.80
N ALA B 204 34.16 -0.43 -14.24
CA ALA B 204 34.52 0.63 -13.29
C ALA B 204 33.44 0.83 -12.25
N ASN B 205 32.19 0.87 -12.70
CA ASN B 205 31.13 1.14 -11.76
C ASN B 205 30.86 -0.06 -10.88
N SER B 206 31.02 -1.27 -11.39
CA SER B 206 30.93 -2.42 -10.52
C SER B 206 31.98 -2.34 -9.41
N GLU B 207 33.15 -1.81 -9.74
CA GLU B 207 34.21 -1.69 -8.74
C GLU B 207 33.82 -0.69 -7.67
N GLN B 208 33.40 0.50 -8.10
CA GLN B 208 32.96 1.51 -7.15
C GLN B 208 31.80 1.00 -6.32
N LEU B 209 30.88 0.25 -6.93
CA LEU B 209 29.78 -0.32 -6.17
C LEU B 209 30.26 -1.32 -5.14
N ASN B 210 31.25 -2.14 -5.47
CA ASN B 210 31.69 -3.05 -4.45
C ASN B 210 32.32 -2.29 -3.30
N VAL B 211 33.03 -1.20 -3.61
CA VAL B 211 33.52 -0.32 -2.55
C VAL B 211 32.36 0.11 -1.67
N LEU B 212 31.31 0.63 -2.28
CA LEU B 212 30.21 1.15 -1.51
C LEU B 212 29.57 0.05 -0.66
N THR B 213 29.45 -1.17 -1.16
CA THR B 213 28.79 -2.16 -0.32
C THR B 213 29.66 -2.60 0.84
N ASN B 214 30.98 -2.55 0.72
CA ASN B 214 31.81 -2.75 1.90
C ASN B 214 31.60 -1.62 2.92
N ASN B 215 31.63 -0.37 2.45
CA ASN B 215 31.41 0.75 3.35
C ASN B 215 30.04 0.66 4.00
N ARG B 216 29.03 0.33 3.19
CA ARG B 216 27.67 0.22 3.68
C ARG B 216 27.53 -0.87 4.72
N SER B 217 28.23 -1.99 4.53
CA SER B 217 28.11 -3.04 5.53
C SER B 217 28.74 -2.64 6.85
N THR B 218 29.86 -1.91 6.82
CA THR B 218 30.39 -1.43 8.11
C THR B 218 29.41 -0.46 8.77
N LEU B 219 28.81 0.40 7.96
CA LEU B 219 27.85 1.35 8.52
C LEU B 219 26.62 0.64 9.07
N VAL B 220 26.09 -0.38 8.37
CA VAL B 220 24.92 -1.06 8.90
C VAL B 220 25.30 -1.85 10.13
N ALA B 221 26.56 -2.28 10.21
CA ALA B 221 27.02 -2.87 11.46
C ALA B 221 26.80 -1.90 12.61
N GLN B 222 27.45 -0.72 12.54
CA GLN B 222 27.31 0.27 13.62
C GLN B 222 25.85 0.56 13.93
N ARG B 223 25.01 0.67 12.91
CA ARG B 223 23.63 1.06 13.15
C ARG B 223 22.84 -0.04 13.85
N ASP B 224 23.05 -1.28 13.45
CA ASP B 224 22.38 -2.36 14.18
C ASP B 224 22.90 -2.46 15.60
N GLY B 225 24.16 -2.10 15.82
CA GLY B 225 24.66 -2.08 17.19
C GLY B 225 23.94 -1.07 18.06
N ALA B 226 23.82 0.17 17.57
CA ALA B 226 23.09 1.17 18.35
C ALA B 226 21.63 0.77 18.51
N GLU B 227 21.05 0.13 17.50
CA GLU B 227 19.70 -0.39 17.62
C GLU B 227 19.58 -1.39 18.75
N ARG B 228 20.53 -2.31 18.83
CA ARG B 228 20.52 -3.34 19.86
C ARG B 228 20.65 -2.73 21.26
N ASN B 229 21.59 -1.78 21.41
CA ASN B 229 21.79 -1.12 22.69
C ASN B 229 20.55 -0.38 23.11
N LEU B 230 19.91 0.32 22.19
CA LEU B 230 18.66 0.99 22.53
C LEU B 230 17.57 0.03 22.98
N ALA B 231 17.44 -1.12 22.31
CA ALA B 231 16.44 -2.08 22.74
C ALA B 231 16.72 -2.54 24.17
N ILE B 232 18.00 -2.72 24.49
CA ILE B 232 18.44 -2.99 25.86
C ILE B 232 18.03 -1.86 26.82
N ALA B 233 18.13 -0.61 26.37
CA ALA B 233 17.72 0.52 27.22
C ALA B 233 16.25 0.37 27.62
N ARG B 234 15.37 0.12 26.64
CA ARG B 234 13.94 -0.05 26.93
C ARG B 234 13.67 -1.28 27.82
N ALA B 235 14.35 -2.40 27.54
CA ALA B 235 14.17 -3.59 28.36
C ALA B 235 14.62 -3.36 29.81
N GLN B 236 15.77 -2.69 30.01
CA GLN B 236 16.30 -2.35 31.33
C GLN B 236 15.39 -1.39 32.06
N ALA B 237 14.70 -0.50 31.32
CA ALA B 237 13.72 0.37 31.98
C ALA B 237 12.63 -0.46 32.65
N ASP B 238 11.99 -1.38 31.91
CA ASP B 238 10.83 -1.99 32.60
C ASP B 238 11.09 -3.29 33.42
N GLN B 243 7.89 0.85 36.11
CA GLN B 243 6.42 0.87 36.12
C GLN B 243 5.73 2.15 36.67
N ARG B 244 5.71 2.35 38.01
CA ARG B 244 5.08 3.55 38.55
C ARG B 244 5.76 4.78 38.01
N ALA B 245 6.99 4.64 37.52
CA ALA B 245 7.68 5.74 36.88
C ALA B 245 6.92 6.20 35.65
N GLU B 246 6.63 5.25 34.75
CA GLU B 246 5.85 5.56 33.56
C GLU B 246 4.44 6.02 33.92
N TYR B 247 3.91 5.62 35.06
CA TYR B 247 2.56 6.06 35.39
C TYR B 247 2.51 7.58 35.51
N GLU B 248 3.42 8.16 36.29
CA GLU B 248 3.46 9.62 36.42
C GLU B 248 3.68 10.27 35.07
N GLU B 249 4.60 9.74 34.29
CA GLU B 249 4.87 10.33 32.99
C GLU B 249 3.61 10.32 32.12
N PHE B 250 2.87 9.22 32.15
CA PHE B 250 1.67 9.14 31.34
C PHE B 250 0.63 10.15 31.79
N GLN B 251 0.30 10.19 33.09
CA GLN B 251 -0.69 11.18 33.52
C GLN B 251 -0.25 12.59 33.19
N GLN B 252 1.05 12.83 33.26
CA GLN B 252 1.59 14.13 32.88
C GLN B 252 1.33 14.43 31.40
N ALA B 253 1.67 13.49 30.53
CA ALA B 253 1.46 13.74 29.12
C ALA B 253 -0.02 13.75 28.80
N GLU B 254 -0.84 13.04 29.56
CA GLU B 254 -2.26 13.00 29.27
C GLU B 254 -2.90 14.34 29.61
N GLN B 255 -2.49 14.93 30.73
CA GLN B 255 -2.99 16.25 31.07
C GLN B 255 -2.47 17.31 30.10
N ALA B 256 -1.18 17.25 29.73
CA ALA B 256 -0.67 18.17 28.72
C ALA B 256 -1.34 17.99 27.36
N ARG B 257 -1.76 16.75 27.04
CA ARG B 257 -2.49 16.43 25.82
C ARG B 257 -3.86 17.12 25.80
N ILE B 258 -4.61 16.97 26.90
CA ILE B 258 -5.92 17.61 27.01
C ILE B 258 -5.79 19.12 26.96
N GLN B 259 -4.78 19.68 27.65
CA GLN B 259 -4.57 21.13 27.67
C GLN B 259 -4.24 21.67 26.27
N ALA B 260 -3.23 21.09 25.62
CA ALA B 260 -2.85 21.64 24.32
C ALA B 260 -3.91 21.36 23.26
N GLU B 261 -4.65 20.24 23.39
CA GLU B 261 -5.75 19.98 22.46
C GLU B 261 -6.86 21.01 22.60
N ALA B 262 -7.27 21.31 23.83
CA ALA B 262 -8.33 22.28 24.04
C ALA B 262 -7.91 23.69 23.64
N GLU B 263 -6.71 24.11 24.07
CA GLU B 263 -6.19 25.42 23.67
C GLU B 263 -6.05 25.57 22.15
N ALA B 264 -5.54 24.53 21.46
CA ALA B 264 -5.43 24.58 20.00
C ALA B 264 -6.81 24.62 19.37
N GLN B 265 -7.79 23.93 19.95
CA GLN B 265 -9.13 23.97 19.42
C GLN B 265 -9.71 25.39 19.55
N ALA B 266 -9.38 26.08 20.65
CA ALA B 266 -9.85 27.46 20.85
C ALA B 266 -9.17 28.45 19.89
N ALA B 267 -7.86 28.31 19.70
CA ALA B 267 -7.16 29.14 18.71
C ALA B 267 -7.67 28.87 17.28
N ALA B 268 -8.06 27.63 16.97
CA ALA B 268 -8.60 27.33 15.65
C ALA B 268 -9.97 27.98 15.44
N GLU B 269 -10.86 27.92 16.44
CA GLU B 269 -12.13 28.63 16.32
C GLU B 269 -11.90 30.13 16.18
N GLU B 270 -10.93 30.67 16.91
CA GLU B 270 -10.65 32.10 16.76
C GLU B 270 -10.17 32.43 15.35
N LYS B 271 -9.35 31.58 14.76
CA LYS B 271 -8.93 31.84 13.38
C LYS B 271 -10.13 31.76 12.44
N ARG B 272 -11.03 30.79 12.65
CA ARG B 272 -12.22 30.68 11.79
C ARG B 272 -13.04 31.96 11.81
N ARG B 273 -13.30 32.49 13.01
CA ARG B 273 -14.08 33.74 13.05
C ARG B 273 -13.27 34.93 12.56
N ALA B 274 -11.95 34.97 12.81
CA ALA B 274 -11.15 36.08 12.28
C ALA B 274 -11.13 36.09 10.76
N ASP B 275 -11.13 34.91 10.14
CA ASP B 275 -11.19 34.79 8.68
C ASP B 275 -12.57 35.21 8.14
N GLU B 276 -13.65 34.81 8.80
CA GLU B 276 -14.95 35.36 8.41
C GLU B 276 -14.95 36.89 8.50
N ALA B 277 -14.29 37.43 9.51
CA ALA B 277 -14.22 38.89 9.67
C ALA B 277 -13.45 39.53 8.53
N ALA B 278 -12.29 38.95 8.19
CA ALA B 278 -11.55 39.45 7.04
C ALA B 278 -12.40 39.40 5.77
N ALA B 279 -13.17 38.32 5.59
CA ALA B 279 -13.98 38.17 4.38
C ALA B 279 -15.07 39.24 4.27
N GLN B 280 -15.81 39.45 5.36
CA GLN B 280 -16.84 40.48 5.39
C GLN B 280 -16.25 41.87 5.16
N ALA B 281 -15.12 42.18 5.82
CA ALA B 281 -14.49 43.48 5.64
C ALA B 281 -14.02 43.67 4.20
N ALA B 282 -13.53 42.59 3.58
CA ALA B 282 -13.13 42.64 2.17
C ALA B 282 -14.33 42.95 1.27
N ALA B 283 -15.47 42.31 1.51
CA ALA B 283 -16.66 42.58 0.69
C ALA B 283 -17.11 44.03 0.84
N GLU B 284 -17.11 44.55 2.08
CA GLU B 284 -17.47 45.96 2.28
C GLU B 284 -16.53 46.88 1.54
N ALA B 285 -15.22 46.61 1.59
CA ALA B 285 -14.27 47.42 0.82
C ALA B 285 -14.58 47.38 -0.68
N GLN B 286 -14.92 46.20 -1.21
CA GLN B 286 -15.16 46.11 -2.65
C GLN B 286 -16.41 46.89 -3.08
N GLU B 287 -17.51 46.80 -2.32
CA GLU B 287 -18.68 47.61 -2.67
C GLU B 287 -18.33 49.09 -2.66
N ALA B 288 -17.62 49.56 -1.62
CA ALA B 288 -17.31 50.99 -1.56
C ALA B 288 -16.42 51.40 -2.75
N ALA B 289 -15.51 50.52 -3.17
CA ALA B 289 -14.72 50.82 -4.36
C ALA B 289 -15.56 50.84 -5.65
N GLN B 290 -16.61 50.00 -5.73
CA GLN B 290 -17.51 50.07 -6.88
C GLN B 290 -18.22 51.42 -6.96
N GLN B 291 -18.69 51.94 -5.81
CA GLN B 291 -19.24 53.30 -5.87
C GLN B 291 -18.18 54.34 -6.20
N ALA B 292 -16.93 54.14 -5.78
CA ALA B 292 -15.87 55.04 -6.24
C ALA B 292 -15.74 55.05 -7.76
N GLN B 293 -15.73 53.87 -8.40
CA GLN B 293 -15.64 53.85 -9.87
C GLN B 293 -16.88 54.41 -10.54
N ALA B 294 -18.07 54.12 -9.99
CA ALA B 294 -19.31 54.66 -10.56
C ALA B 294 -19.34 56.19 -10.47
N ALA B 295 -18.81 56.74 -9.38
CA ALA B 295 -18.64 58.18 -9.29
C ALA B 295 -17.69 58.69 -10.36
N GLU B 296 -16.56 58.01 -10.55
CA GLU B 296 -15.63 58.43 -11.60
C GLU B 296 -16.31 58.51 -12.97
N GLU B 297 -17.02 57.44 -13.37
CA GLU B 297 -17.75 57.52 -14.65
C GLU B 297 -18.71 58.68 -14.67
N ALA B 298 -19.73 58.64 -13.82
CA ALA B 298 -20.80 59.62 -13.97
C ALA B 298 -20.27 61.04 -13.90
N GLN B 299 -19.13 61.25 -13.22
CA GLN B 299 -18.50 62.56 -13.14
C GLN B 299 -17.87 62.94 -14.49
N ALA B 300 -17.18 62.00 -15.15
CA ALA B 300 -16.68 62.28 -16.51
C ALA B 300 -17.80 62.39 -17.55
N ALA B 301 -18.94 61.72 -17.34
CA ALA B 301 -20.07 61.84 -18.27
C ALA B 301 -20.71 63.21 -18.19
N GLN B 302 -20.95 63.69 -16.96
CA GLN B 302 -21.28 65.11 -16.75
C GLN B 302 -20.28 66.04 -17.44
N ALA B 303 -18.99 65.71 -17.33
CA ALA B 303 -17.96 66.53 -17.98
C ALA B 303 -18.15 66.55 -19.48
N ALA B 304 -18.43 65.39 -20.09
CA ALA B 304 -18.63 65.33 -21.54
C ALA B 304 -19.86 66.11 -22.00
N GLU B 305 -20.98 66.00 -21.28
CA GLU B 305 -22.18 66.74 -21.65
C GLU B 305 -21.96 68.25 -21.60
N THR B 306 -21.31 68.74 -20.54
CA THR B 306 -20.97 70.15 -20.53
C THR B 306 -19.91 70.50 -21.57
N ALA B 307 -19.06 69.55 -21.96
CA ALA B 307 -18.11 69.81 -23.03
C ALA B 307 -18.82 70.05 -24.37
N GLN B 308 -19.93 69.35 -24.60
CA GLN B 308 -20.65 69.47 -25.87
C GLN B 308 -21.82 70.46 -25.84
N ALA B 309 -22.21 70.97 -24.68
CA ALA B 309 -23.23 72.00 -24.68
C ALA B 309 -22.56 73.33 -24.98
N ALA B 315 -25.20 81.14 -19.88
CA ALA B 315 -25.28 82.14 -18.81
C ALA B 315 -25.80 81.58 -17.49
N GLU B 316 -27.13 81.57 -17.36
CA GLU B 316 -27.77 80.85 -16.26
C GLU B 316 -27.67 79.35 -16.46
N THR B 317 -27.94 78.90 -17.69
CA THR B 317 -27.78 77.49 -18.07
C THR B 317 -26.39 76.96 -17.74
N GLN B 318 -25.36 77.78 -17.98
CA GLN B 318 -23.99 77.44 -17.61
C GLN B 318 -23.82 77.32 -16.10
N ALA B 319 -24.52 78.17 -15.31
CA ALA B 319 -24.51 78.03 -13.86
C ALA B 319 -25.17 76.72 -13.41
N ALA B 320 -26.23 76.28 -14.10
CA ALA B 320 -26.84 74.99 -13.77
C ALA B 320 -25.87 73.85 -14.03
N GLN B 321 -25.15 73.90 -15.17
CA GLN B 321 -24.13 72.91 -15.47
C GLN B 321 -23.04 72.86 -14.41
N ALA B 322 -22.53 74.04 -14.01
CA ALA B 322 -21.44 74.09 -13.03
C ALA B 322 -21.90 73.61 -11.65
N ALA B 323 -23.16 73.91 -11.27
CA ALA B 323 -23.69 73.41 -10.01
C ALA B 323 -23.84 71.89 -10.02
N GLN B 324 -24.32 71.31 -11.12
CA GLN B 324 -24.39 69.86 -11.21
C GLN B 324 -23.01 69.22 -11.15
N ALA B 325 -22.00 69.88 -11.74
CA ALA B 325 -20.64 69.38 -11.62
C ALA B 325 -20.17 69.43 -10.18
N GLN B 326 -20.53 70.49 -9.45
CA GLN B 326 -20.15 70.56 -8.04
C GLN B 326 -20.72 69.38 -7.26
N ALA B 327 -22.01 69.09 -7.46
CA ALA B 327 -22.61 67.95 -6.77
C ALA B 327 -21.99 66.65 -7.22
N GLU B 328 -21.65 66.54 -8.50
CA GLU B 328 -20.98 65.35 -9.00
C GLU B 328 -19.65 65.12 -8.28
N ALA B 329 -18.81 66.15 -8.22
CA ALA B 329 -17.51 66.00 -7.56
C ALA B 329 -17.67 65.72 -6.07
N ASN B 330 -18.70 66.31 -5.44
CA ASN B 330 -18.99 66.04 -4.03
C ASN B 330 -19.29 64.56 -3.81
N ASP B 331 -20.23 64.01 -4.60
CA ASP B 331 -20.55 62.59 -4.50
C ASP B 331 -19.31 61.74 -4.78
N ARG B 332 -18.47 62.20 -5.73
CA ARG B 332 -17.27 61.46 -6.11
C ARG B 332 -16.30 61.32 -4.96
N ALA B 333 -15.84 62.45 -4.42
CA ALA B 333 -14.88 62.38 -3.31
C ALA B 333 -15.50 61.72 -2.07
N ALA B 334 -16.82 61.79 -1.89
CA ALA B 334 -17.46 61.14 -0.75
C ALA B 334 -17.35 59.63 -0.84
N ALA B 335 -17.83 59.06 -1.96
CA ALA B 335 -17.69 57.62 -2.16
C ALA B 335 -16.22 57.21 -2.25
N GLN B 336 -15.34 58.12 -2.67
CA GLN B 336 -13.92 57.83 -2.81
C GLN B 336 -13.23 57.66 -1.45
N GLN B 337 -13.47 58.59 -0.52
CA GLN B 337 -12.85 58.44 0.80
C GLN B 337 -13.52 57.32 1.60
N ARG B 338 -14.83 57.12 1.47
CA ARG B 338 -15.42 55.95 2.14
C ARG B 338 -14.86 54.64 1.59
N ALA B 339 -14.54 54.60 0.29
CA ALA B 339 -13.89 53.41 -0.26
C ALA B 339 -12.48 53.23 0.30
N ALA B 340 -11.70 54.31 0.41
CA ALA B 340 -10.36 54.19 0.97
C ALA B 340 -10.38 53.72 2.43
N GLU B 341 -11.33 54.25 3.22
CA GLU B 341 -11.48 53.81 4.60
C GLU B 341 -11.88 52.33 4.67
N ALA B 342 -12.89 51.93 3.90
CA ALA B 342 -13.33 50.53 3.94
C ALA B 342 -12.23 49.58 3.49
N GLN B 343 -11.36 50.03 2.59
CA GLN B 343 -10.30 49.13 2.17
C GLN B 343 -9.17 49.05 3.20
N ALA B 344 -8.82 50.16 3.86
CA ALA B 344 -7.84 50.06 4.95
C ALA B 344 -8.38 49.23 6.11
N ALA B 345 -9.70 49.28 6.35
CA ALA B 345 -10.32 48.43 7.37
C ALA B 345 -10.27 46.96 6.99
N ALA B 346 -10.57 46.63 5.73
CA ALA B 346 -10.38 45.24 5.28
C ALA B 346 -8.94 44.79 5.38
N GLU B 347 -7.97 45.70 5.17
CA GLU B 347 -6.55 45.36 5.33
C GLU B 347 -6.20 45.00 6.77
N GLN B 348 -6.66 45.79 7.74
CA GLN B 348 -6.53 45.38 9.14
C GLN B 348 -7.16 44.01 9.38
N ALA B 349 -8.37 43.79 8.86
CA ALA B 349 -9.03 42.51 9.08
C ALA B 349 -8.21 41.36 8.54
N GLN B 350 -7.54 41.58 7.41
CA GLN B 350 -6.70 40.54 6.80
C GLN B 350 -5.40 40.33 7.57
N ARG B 351 -4.81 41.40 8.12
CA ARG B 351 -3.62 41.25 8.96
C ARG B 351 -3.93 40.45 10.21
N GLU B 352 -5.09 40.72 10.83
CA GLU B 352 -5.49 39.94 11.98
C GLU B 352 -5.81 38.51 11.60
N ALA B 353 -6.49 38.30 10.48
CA ALA B 353 -6.83 36.96 10.06
C ALA B 353 -5.61 36.10 9.74
N ASP B 354 -4.54 36.68 9.18
CA ASP B 354 -3.39 35.79 8.93
C ASP B 354 -2.42 35.69 10.10
N ALA B 355 -2.35 36.68 11.00
CA ALA B 355 -1.71 36.41 12.28
C ALA B 355 -2.43 35.29 13.04
N GLN B 356 -3.77 35.26 12.97
CA GLN B 356 -4.53 34.24 13.67
C GLN B 356 -4.48 32.88 12.97
N ALA B 357 -4.39 32.84 11.64
CA ALA B 357 -4.15 31.55 10.99
C ALA B 357 -2.75 31.02 11.31
N ALA B 358 -1.77 31.92 11.45
CA ALA B 358 -0.44 31.50 11.90
C ALA B 358 -0.52 30.91 13.31
N ASN B 359 -1.29 31.54 14.19
CA ASN B 359 -1.41 30.96 15.53
C ASN B 359 -2.16 29.64 15.53
N ASP B 360 -3.21 29.49 14.71
CA ASP B 360 -3.89 28.20 14.68
C ASP B 360 -2.95 27.09 14.22
N ALA B 361 -2.15 27.38 13.18
CA ALA B 361 -1.18 26.38 12.75
C ALA B 361 -0.19 26.06 13.87
N GLN B 362 0.30 27.10 14.53
CA GLN B 362 1.31 26.93 15.58
C GLN B 362 0.76 26.09 16.75
N ALA B 363 -0.48 26.37 17.15
CA ALA B 363 -1.08 25.65 18.26
C ALA B 363 -1.49 24.23 17.88
N GLN B 364 -1.88 24.01 16.62
CA GLN B 364 -2.17 22.65 16.20
C GLN B 364 -0.90 21.80 16.14
N ALA B 365 0.24 22.43 15.81
CA ALA B 365 1.53 21.73 15.87
C ALA B 365 1.85 21.26 17.29
N LEU B 366 1.77 22.19 18.25
CA LEU B 366 1.94 21.77 19.66
C LEU B 366 0.92 20.70 20.07
N ARG B 367 -0.29 20.77 19.52
CA ARG B 367 -1.34 19.81 19.84
C ARG B 367 -0.96 18.39 19.38
N GLU B 368 -0.58 18.25 18.12
CA GLU B 368 -0.28 16.89 17.71
C GLU B 368 1.09 16.43 18.20
N GLN B 369 1.97 17.37 18.54
CA GLN B 369 3.21 17.03 19.21
C GLN B 369 2.94 16.41 20.60
N ALA B 370 2.03 17.03 21.36
CA ALA B 370 1.69 16.50 22.67
C ALA B 370 0.90 15.21 22.55
N LEU B 371 0.04 15.08 21.52
CA LEU B 371 -0.63 13.80 21.31
C LEU B 371 0.40 12.70 21.08
N THR B 372 1.45 12.99 20.30
CA THR B 372 2.49 11.99 20.04
C THR B 372 3.20 11.55 21.32
N ALA B 373 3.72 12.52 22.11
CA ALA B 373 4.39 12.12 23.35
C ALA B 373 3.44 11.36 24.27
N ALA B 374 2.15 11.71 24.23
CA ALA B 374 1.17 10.97 25.01
C ALA B 374 1.11 9.52 24.57
N SER B 375 0.94 9.28 23.27
CA SER B 375 0.78 7.91 22.80
C SER B 375 2.01 7.07 23.13
N ILE B 376 3.20 7.65 22.95
CA ILE B 376 4.38 6.83 23.19
C ILE B 376 4.52 6.48 24.69
N ALA B 377 4.30 7.45 25.59
CA ALA B 377 4.41 7.09 27.01
C ALA B 377 3.30 6.15 27.43
N ALA B 378 2.15 6.19 26.73
CA ALA B 378 1.11 5.21 26.98
C ALA B 378 1.60 3.81 26.66
N ALA B 379 2.28 3.67 25.52
CA ALA B 379 2.85 2.36 25.16
C ALA B 379 3.93 1.88 26.13
N ALA B 380 4.81 2.78 26.61
CA ALA B 380 5.88 2.33 27.52
C ALA B 380 5.27 1.82 28.83
N LEU B 381 4.29 2.54 29.36
CA LEU B 381 3.52 2.02 30.48
C LEU B 381 3.01 0.61 30.17
N ILE B 382 2.39 0.43 28.99
CA ILE B 382 1.79 -0.87 28.69
C ILE B 382 2.83 -1.98 28.78
N ALA B 383 4.04 -1.74 28.23
CA ALA B 383 5.13 -2.73 28.30
C ALA B 383 5.51 -3.06 29.74
N ALA B 384 5.63 -2.01 30.57
CA ALA B 384 5.88 -2.22 32.00
C ALA B 384 4.71 -2.93 32.64
N SER B 385 3.63 -3.16 31.92
CA SER B 385 2.58 -3.93 32.54
C SER B 385 2.74 -5.45 32.34
N GLN B 386 3.61 -5.93 31.45
CA GLN B 386 3.70 -7.38 31.27
C GLN B 386 5.14 -7.85 31.27
N SER B 387 5.34 -9.12 31.65
CA SER B 387 6.68 -9.68 31.81
C SER B 387 7.38 -9.73 30.46
N SER B 388 8.70 -9.81 30.52
CA SER B 388 9.49 -9.99 29.32
C SER B 388 9.01 -11.22 28.56
N HIS B 389 8.65 -11.05 27.30
CA HIS B 389 8.02 -12.15 26.59
C HIS B 389 9.01 -13.13 25.97
N ALA B 390 10.28 -12.79 25.93
CA ALA B 390 11.23 -13.68 25.31
C ALA B 390 11.80 -14.71 26.28
N THR B 391 11.60 -14.56 27.58
CA THR B 391 12.31 -15.41 28.51
C THR B 391 11.41 -16.53 29.01
N THR B 392 11.97 -17.32 29.87
CA THR B 392 11.22 -18.13 30.81
C THR B 392 11.59 -17.84 32.25
N GLN B 393 12.85 -17.46 32.54
CA GLN B 393 13.31 -17.33 33.92
C GLN B 393 12.38 -16.44 34.72
N ASN B 394 11.93 -16.97 35.84
CA ASN B 394 10.89 -16.34 36.64
C ASN B 394 11.41 -15.02 37.20
N PRO B 395 10.82 -13.89 36.83
CA PRO B 395 11.34 -12.60 37.25
C PRO B 395 10.92 -12.17 38.66
N TYR B 396 10.42 -13.10 39.45
CA TYR B 396 9.85 -12.85 40.76
C TYR B 396 10.71 -13.39 41.88
N PRO B 397 10.38 -13.08 43.15
CA PRO B 397 11.14 -13.61 44.28
C PRO B 397 11.08 -15.12 44.44
N THR B 398 12.14 -15.66 45.06
CA THR B 398 12.31 -17.08 45.32
C THR B 398 11.92 -17.50 46.74
N ASP B 399 12.50 -16.88 47.79
CA ASP B 399 12.02 -17.13 49.15
C ASP B 399 10.81 -16.27 49.49
N GLU B 400 9.91 -16.83 50.29
CA GLU B 400 8.73 -16.06 50.59
C GLU B 400 9.01 -14.89 51.52
N ASP B 401 9.83 -13.93 51.11
CA ASP B 401 10.06 -12.80 52.00
C ASP B 401 10.58 -11.63 51.15
N ALA B 402 9.66 -10.84 50.63
CA ALA B 402 10.06 -9.77 49.73
C ALA B 402 8.82 -8.99 49.35
N ASP B 403 8.93 -8.04 48.42
CA ASP B 403 7.73 -7.50 47.79
C ASP B 403 7.90 -6.73 46.47
N PRO B 404 7.72 -7.31 45.25
CA PRO B 404 8.03 -6.55 44.04
C PRO B 404 6.87 -5.67 43.58
N THR B 405 7.16 -4.86 42.57
CA THR B 405 6.08 -4.43 41.73
C THR B 405 5.74 -5.61 40.82
N ASP B 406 4.54 -5.60 40.27
CA ASP B 406 4.07 -6.79 39.59
C ASP B 406 3.37 -6.50 38.27
N ILE B 407 3.55 -7.41 37.32
CA ILE B 407 3.10 -7.19 35.96
C ILE B 407 1.65 -7.70 35.87
N ALA B 408 0.85 -7.05 35.01
CA ALA B 408 -0.55 -7.38 34.83
C ALA B 408 -0.66 -8.69 34.05
N ASP B 409 -1.88 -9.15 33.91
CA ASP B 409 -2.12 -10.53 33.55
C ASP B 409 -2.80 -10.60 32.18
N ILE B 410 -2.18 -11.30 31.21
CA ILE B 410 -2.69 -11.26 29.80
C ILE B 410 -2.80 -12.66 29.12
N ASP B 460 -12.00 10.69 18.02
CA ASP B 460 -12.93 9.61 17.68
C ASP B 460 -12.13 8.41 17.16
N ARG B 461 -12.87 7.37 16.75
CA ARG B 461 -12.31 6.12 16.24
C ARG B 461 -11.33 6.30 15.07
N SER B 462 -11.65 7.18 14.10
CA SER B 462 -10.72 7.36 12.97
C SER B 462 -9.36 7.88 13.42
N ALA B 463 -9.33 8.88 14.32
CA ALA B 463 -8.06 9.39 14.83
C ALA B 463 -7.32 8.28 15.56
N GLN B 464 -8.08 7.46 16.31
CA GLN B 464 -7.55 6.32 17.07
C GLN B 464 -6.91 5.30 16.16
N ILE B 465 -7.63 4.91 15.09
CA ILE B 465 -7.09 3.96 14.12
C ILE B 465 -5.81 4.51 13.48
N GLU B 466 -5.82 5.78 13.06
CA GLU B 466 -4.62 6.36 12.42
C GLU B 466 -3.40 6.45 13.30
N THR B 467 -3.58 6.67 14.61
CA THR B 467 -2.41 6.68 15.48
C THR B 467 -1.72 5.31 15.50
N VAL B 468 -2.51 4.23 15.60
CA VAL B 468 -1.96 2.85 15.59
C VAL B 468 -1.20 2.60 14.30
N ILE B 469 -1.83 2.91 13.18
CA ILE B 469 -1.23 2.68 11.87
C ILE B 469 0.05 3.48 11.71
N ALA B 470 0.10 4.71 12.21
CA ALA B 470 1.35 5.46 12.10
C ALA B 470 2.49 4.71 12.79
N ARG B 471 2.21 4.09 13.93
CA ARG B 471 3.19 3.29 14.64
C ARG B 471 3.64 2.05 13.86
N ALA B 472 2.71 1.32 13.23
CA ALA B 472 3.10 0.12 12.50
C ALA B 472 3.98 0.45 11.31
N MET B 473 3.64 1.48 10.55
CA MET B 473 4.45 1.89 9.42
C MET B 473 5.88 2.29 9.84
N SER B 474 6.06 2.85 11.04
CA SER B 474 7.41 3.26 11.50
C SER B 474 8.41 2.08 11.64
N GLN B 475 7.92 0.85 11.75
CA GLN B 475 8.74 -0.36 11.85
C GLN B 475 8.94 -1.05 10.48
N LEU B 476 8.51 -0.44 9.40
CA LEU B 476 8.73 -1.08 8.11
C LEU B 476 10.20 -1.33 7.86
N GLY B 477 10.52 -2.55 7.43
CA GLY B 477 11.87 -2.99 7.19
C GLY B 477 12.57 -3.73 8.30
N VAL B 478 12.08 -3.68 9.55
CA VAL B 478 12.76 -4.39 10.64
C VAL B 478 12.71 -5.90 10.45
N GLN B 479 13.83 -6.53 10.75
CA GLN B 479 14.00 -7.95 10.57
C GLN B 479 13.05 -8.72 11.50
N TYR B 480 12.71 -9.92 11.08
CA TYR B 480 11.90 -10.86 11.85
C TYR B 480 12.72 -11.48 12.98
N ALA B 481 12.08 -11.69 14.11
CA ALA B 481 12.69 -12.36 15.25
C ALA B 481 11.60 -13.17 15.93
N TRP B 482 11.71 -14.49 15.96
CA TRP B 482 10.64 -15.27 16.61
C TRP B 482 10.31 -14.79 18.02
N GLY B 483 9.04 -14.47 18.28
CA GLY B 483 8.76 -13.94 19.59
C GLY B 483 9.17 -12.49 19.81
N GLY B 484 9.78 -11.84 18.84
CA GLY B 484 10.23 -10.48 19.04
C GLY B 484 9.13 -9.44 19.05
N GLY B 485 9.37 -8.40 19.85
CA GLY B 485 8.51 -7.24 19.90
C GLY B 485 7.81 -7.16 21.23
N ASN B 486 7.65 -5.92 21.70
CA ASN B 486 6.89 -5.53 22.90
C ASN B 486 6.31 -4.14 22.66
N ALA B 487 5.69 -3.57 23.70
CA ALA B 487 5.07 -2.27 23.60
C ALA B 487 6.08 -1.19 23.22
N ASN B 488 7.39 -1.41 23.46
CA ASN B 488 8.37 -0.37 23.12
C ASN B 488 9.01 -0.55 21.74
N GLY B 489 8.90 -1.72 21.12
CA GLY B 489 9.50 -1.82 19.80
C GLY B 489 10.03 -3.21 19.47
N PRO B 490 10.97 -3.32 18.51
CA PRO B 490 11.50 -4.63 18.20
C PRO B 490 12.31 -5.07 19.39
N THR B 491 12.44 -6.38 19.51
CA THR B 491 13.18 -6.98 20.60
C THR B 491 14.02 -8.15 20.13
N LEU B 492 14.86 -8.56 21.05
CA LEU B 492 15.65 -9.76 20.89
C LEU B 492 14.75 -10.97 20.70
N GLY B 493 15.18 -11.89 19.86
CA GLY B 493 14.45 -13.13 19.66
C GLY B 493 14.50 -14.09 20.85
N ILE B 494 13.90 -15.24 20.64
CA ILE B 494 13.87 -16.30 21.62
C ILE B 494 15.22 -16.96 21.84
N VAL B 509 17.59 -8.39 16.27
CA VAL B 509 16.48 -7.69 16.98
C VAL B 509 15.31 -7.29 16.11
N GLY B 510 14.13 -7.86 16.31
CA GLY B 510 13.04 -7.56 15.41
C GLY B 510 11.65 -7.87 15.89
N PHE B 511 10.75 -8.08 14.95
CA PHE B 511 9.36 -8.37 15.30
C PHE B 511 8.87 -9.60 14.55
N ASP B 512 7.99 -10.34 15.21
CA ASP B 512 7.15 -11.33 14.57
C ASP B 512 5.75 -10.77 14.56
N CYS B 513 4.87 -11.38 13.76
CA CYS B 513 3.62 -10.71 13.42
C CYS B 513 2.86 -10.28 14.67
N SER B 514 2.61 -11.22 15.60
CA SER B 514 1.79 -10.80 16.74
C SER B 514 2.55 -9.82 17.61
N GLY B 515 3.87 -9.80 17.48
CA GLY B 515 4.68 -8.80 18.16
C GLY B 515 4.45 -7.44 17.56
N LEU B 516 4.32 -7.37 16.22
CA LEU B 516 4.05 -6.11 15.55
C LEU B 516 2.69 -5.54 15.92
N THR B 517 1.63 -6.36 15.94
CA THR B 517 0.30 -5.84 16.26
C THR B 517 0.28 -5.32 17.69
N LEU B 518 0.95 -6.03 18.58
CA LEU B 518 1.06 -5.58 19.94
C LEU B 518 1.68 -4.18 20.03
N TYR B 519 2.75 -3.95 19.27
CA TYR B 519 3.41 -2.66 19.31
C TYR B 519 2.47 -1.55 18.85
N ALA B 520 1.81 -1.76 17.73
CA ALA B 520 0.96 -0.71 17.19
C ALA B 520 -0.19 -0.35 18.11
N PHE B 521 -0.92 -1.34 18.62
CA PHE B 521 -2.06 -1.03 19.46
C PHE B 521 -1.68 -0.53 20.85
N ALA B 522 -0.45 -0.77 21.33
CA ALA B 522 0.00 -0.19 22.59
C ALA B 522 0.04 1.34 22.55
N GLY B 523 0.14 1.92 21.35
CA GLY B 523 0.09 3.37 21.14
C GLY B 523 -1.20 4.01 21.60
N VAL B 524 -2.29 3.23 21.66
CA VAL B 524 -3.59 3.68 22.13
C VAL B 524 -4.00 2.94 23.40
N GLY B 525 -3.01 2.47 24.16
CA GLY B 525 -3.25 1.82 25.43
C GLY B 525 -3.95 0.49 25.34
N ILE B 526 -3.92 -0.17 24.19
CA ILE B 526 -4.56 -1.47 24.05
C ILE B 526 -3.50 -2.55 24.26
N SER B 527 -3.53 -3.18 25.43
CA SER B 527 -2.52 -4.18 25.76
C SER B 527 -2.93 -5.52 25.17
N LEU B 528 -2.15 -6.02 24.23
CA LEU B 528 -2.50 -7.29 23.66
C LEU B 528 -1.47 -8.32 24.07
N PRO B 529 -1.90 -9.56 24.25
CA PRO B 529 -0.94 -10.63 24.54
C PRO B 529 -0.09 -10.94 23.33
N HIS B 530 1.09 -11.48 23.61
CA HIS B 530 2.05 -11.79 22.55
C HIS B 530 1.78 -13.21 22.05
N TYR B 531 0.53 -13.39 21.64
CA TYR B 531 0.01 -14.59 21.00
C TYR B 531 -1.26 -14.27 20.22
N THR B 532 -1.22 -14.62 18.94
CA THR B 532 -2.31 -14.39 18.01
C THR B 532 -3.65 -14.95 18.47
N GLY B 533 -3.64 -16.22 18.94
CA GLY B 533 -4.87 -16.89 19.35
C GLY B 533 -5.59 -16.14 20.44
N TYR B 534 -4.84 -15.48 21.30
CA TYR B 534 -5.43 -14.68 22.36
C TYR B 534 -5.80 -13.32 21.81
N GLN B 535 -5.00 -12.78 20.89
CA GLN B 535 -5.40 -11.51 20.30
C GLN B 535 -6.76 -11.65 19.67
N TYR B 536 -7.06 -12.83 19.10
CA TYR B 536 -8.35 -13.14 18.47
C TYR B 536 -9.53 -13.05 19.44
N GLN B 537 -9.28 -13.12 20.75
CA GLN B 537 -10.34 -13.05 21.75
C GLN B 537 -10.68 -11.63 22.22
N HIS B 538 -9.92 -10.62 21.84
CA HIS B 538 -10.23 -9.27 22.26
C HIS B 538 -11.12 -8.63 21.23
N GLY B 539 -11.72 -7.49 21.58
CA GLY B 539 -12.53 -6.81 20.57
C GLY B 539 -13.78 -7.54 20.05
N THR B 540 -14.17 -7.19 18.84
CA THR B 540 -15.36 -7.72 18.21
C THR B 540 -15.04 -8.61 17.01
N LYS B 541 -15.66 -9.81 16.94
CA LYS B 541 -15.44 -10.68 15.79
C LYS B 541 -16.31 -10.27 14.61
N VAL B 542 -15.79 -9.38 13.78
CA VAL B 542 -16.53 -8.89 12.62
C VAL B 542 -16.38 -9.94 11.53
N SER B 543 -17.41 -10.08 10.70
CA SER B 543 -17.34 -11.04 9.59
C SER B 543 -16.20 -10.64 8.65
N PRO B 544 -15.40 -11.58 8.15
CA PRO B 544 -14.30 -11.21 7.23
C PRO B 544 -14.70 -10.41 6.01
N SER B 545 -15.90 -10.62 5.48
CA SER B 545 -16.39 -9.85 4.35
C SER B 545 -16.61 -8.38 4.67
N GLU B 546 -16.71 -8.00 5.94
CA GLU B 546 -16.92 -6.62 6.31
C GLU B 546 -15.69 -5.94 6.90
N MET B 547 -14.51 -6.51 6.72
CA MET B 547 -13.32 -5.89 7.28
C MET B 547 -13.09 -4.49 6.71
N GLN B 548 -12.50 -3.63 7.54
CA GLN B 548 -12.11 -2.29 7.16
C GLN B 548 -10.89 -1.89 7.98
N ARG B 549 -10.16 -0.88 7.51
CA ARG B 549 -8.91 -0.39 8.12
C ARG B 549 -8.93 -0.34 9.66
N GLY B 550 -7.91 -0.96 10.29
CA GLY B 550 -7.81 -1.05 11.72
C GLY B 550 -8.18 -2.43 12.22
N ASP B 551 -8.88 -3.18 11.40
CA ASP B 551 -9.33 -4.51 11.72
C ASP B 551 -8.11 -5.45 11.73
N LEU B 552 -8.21 -6.54 12.51
CA LEU B 552 -7.16 -7.55 12.54
C LEU B 552 -7.54 -8.72 11.64
N ILE B 553 -6.65 -9.12 10.76
CA ILE B 553 -6.88 -10.27 9.90
C ILE B 553 -6.13 -11.46 10.48
N PHE B 554 -6.81 -12.58 10.70
CA PHE B 554 -6.13 -13.76 11.22
C PHE B 554 -6.14 -14.90 10.22
N TYR B 555 -5.16 -15.81 10.36
CA TYR B 555 -5.02 -17.00 9.51
C TYR B 555 -4.82 -18.20 10.41
N GLY B 556 -5.24 -19.36 9.94
CA GLY B 556 -5.09 -20.58 10.71
C GLY B 556 -6.28 -20.86 11.64
N PRO B 557 -6.42 -22.10 12.08
CA PRO B 557 -7.56 -22.43 12.96
C PRO B 557 -7.54 -21.67 14.27
N GLY B 558 -8.63 -21.00 14.60
CA GLY B 558 -8.60 -20.16 15.79
C GLY B 558 -7.47 -19.16 15.91
N ALA B 559 -7.04 -18.62 14.78
CA ALA B 559 -5.99 -17.62 14.73
C ALA B 559 -4.65 -18.15 15.26
N SER B 560 -4.35 -19.45 15.07
CA SER B 560 -3.12 -20.05 15.59
C SER B 560 -1.90 -19.76 14.73
N GLN B 561 -2.05 -19.27 13.52
CA GLN B 561 -0.92 -19.16 12.60
C GLN B 561 -0.36 -17.78 12.30
N HIS B 562 -1.19 -16.75 12.08
CA HIS B 562 -0.60 -15.48 11.65
C HIS B 562 -1.57 -14.33 11.91
N VAL B 563 -1.02 -13.13 11.99
CA VAL B 563 -1.84 -11.94 12.16
C VAL B 563 -1.28 -10.77 11.37
N ALA B 564 -2.19 -9.93 10.89
CA ALA B 564 -1.88 -8.71 10.16
C ALA B 564 -2.95 -7.66 10.45
N ILE B 565 -2.63 -6.40 10.15
CA ILE B 565 -3.58 -5.31 10.31
C ILE B 565 -4.14 -4.95 8.96
N TYR B 566 -5.47 -4.95 8.79
CA TYR B 566 -6.01 -4.53 7.51
C TYR B 566 -5.81 -3.02 7.40
N LEU B 567 -5.26 -2.57 6.27
CA LEU B 567 -5.02 -1.15 6.05
C LEU B 567 -6.12 -0.49 5.20
N GLY B 568 -7.03 -1.28 4.65
CA GLY B 568 -7.97 -0.73 3.70
C GLY B 568 -7.41 -0.80 2.29
N ASP B 569 -8.31 -0.63 1.34
CA ASP B 569 -7.99 -0.66 -0.09
C ASP B 569 -7.27 -1.97 -0.44
N GLY B 570 -7.71 -3.07 0.18
CA GLY B 570 -7.27 -4.44 -0.01
C GLY B 570 -5.83 -4.74 0.36
N GLN B 571 -5.20 -3.90 1.15
CA GLN B 571 -3.85 -4.12 1.63
C GLN B 571 -3.80 -4.15 3.14
N MET B 572 -2.81 -4.85 3.64
CA MET B 572 -2.57 -4.97 5.05
C MET B 572 -1.07 -4.90 5.26
N ILE B 573 -0.70 -4.47 6.47
CA ILE B 573 0.68 -4.37 6.94
C ILE B 573 0.94 -5.52 7.91
N GLU B 574 2.10 -6.13 7.83
CA GLU B 574 2.34 -7.31 8.64
C GLU B 574 3.83 -7.48 8.81
N ALA B 575 4.23 -8.29 9.79
CA ALA B 575 5.61 -8.74 9.96
C ALA B 575 5.50 -10.25 9.77
N PRO B 576 5.67 -10.76 8.57
CA PRO B 576 5.20 -12.14 8.28
C PRO B 576 5.88 -13.45 8.64
N ASN B 577 7.16 -13.60 8.35
CA ASN B 577 7.80 -14.89 8.58
C ASN B 577 9.30 -14.68 8.55
N SER B 578 10.05 -15.68 9.00
CA SER B 578 11.49 -15.52 8.98
C SER B 578 12.03 -15.26 7.58
N GLY B 579 12.98 -14.34 7.51
CA GLY B 579 13.57 -13.92 6.28
C GLY B 579 12.86 -12.79 5.56
N SER B 580 11.71 -12.36 6.05
CA SER B 580 10.95 -11.28 5.46
C SER B 580 10.92 -10.08 6.40
N VAL B 581 11.09 -8.88 5.86
CA VAL B 581 11.10 -7.64 6.63
C VAL B 581 9.67 -7.25 6.95
N VAL B 582 9.47 -6.26 7.84
CA VAL B 582 8.12 -5.73 8.07
C VAL B 582 7.65 -5.14 6.76
N LYS B 583 6.49 -5.57 6.28
CA LYS B 583 6.10 -5.18 4.94
C LYS B 583 4.62 -5.06 4.80
N ILE B 584 4.24 -4.37 3.73
CA ILE B 584 2.86 -4.25 3.29
C ILE B 584 2.67 -5.30 2.22
N SER B 585 1.61 -6.09 2.32
CA SER B 585 1.40 -7.10 1.28
C SER B 585 -0.09 -7.05 0.94
N PRO B 586 -0.49 -7.46 -0.26
CA PRO B 586 -1.92 -7.60 -0.54
C PRO B 586 -2.52 -8.62 0.40
N VAL B 587 -3.81 -8.41 0.74
CA VAL B 587 -4.48 -9.33 1.66
C VAL B 587 -4.52 -10.73 1.10
N ARG B 588 -4.20 -11.72 1.94
CA ARG B 588 -4.25 -13.13 1.55
C ARG B 588 -5.52 -13.85 2.05
N TRP B 589 -6.14 -14.65 1.17
CA TRP B 589 -7.40 -15.38 1.46
C TRP B 589 -7.28 -16.85 1.76
N SER B 590 -6.24 -17.54 1.31
CA SER B 590 -6.09 -18.94 1.69
C SER B 590 -5.77 -19.02 3.18
N GLY B 591 -6.37 -20.00 3.86
CA GLY B 591 -6.02 -20.18 5.25
C GLY B 591 -6.53 -19.12 6.20
N MET B 592 -7.35 -18.17 5.75
CA MET B 592 -7.84 -17.13 6.66
C MET B 592 -8.73 -17.75 7.74
N THR B 593 -8.70 -17.18 8.95
CA THR B 593 -9.58 -17.65 10.01
C THR B 593 -11.03 -17.33 9.65
N GLU B 594 -11.98 -17.87 10.45
CA GLU B 594 -13.38 -17.63 10.13
C GLU B 594 -13.83 -16.17 10.32
N SER B 595 -13.16 -15.42 11.19
CA SER B 595 -13.53 -14.03 11.48
C SER B 595 -12.31 -13.12 11.48
N VAL B 596 -12.55 -11.84 11.28
CA VAL B 596 -11.56 -10.84 11.59
C VAL B 596 -11.95 -10.24 12.94
N VAL B 597 -11.01 -9.55 13.59
CA VAL B 597 -11.25 -8.89 14.89
C VAL B 597 -11.05 -7.38 14.75
N ARG B 598 -12.02 -6.57 15.18
CA ARG B 598 -11.88 -5.13 15.12
C ARG B 598 -11.66 -4.64 16.52
N LEU B 599 -10.49 -4.06 16.80
CA LEU B 599 -10.29 -3.62 18.19
C LEU B 599 -10.68 -2.17 18.46
N ILE B 600 -10.73 -1.30 17.47
CA ILE B 600 -11.14 0.07 17.79
C ILE B 600 -12.43 0.28 17.03
PT PC4 C . 9.46 -20.37 9.08
PT PC4 D . 24.02 -0.16 -2.96
#